data_7F6G
#
_entry.id   7F6G
#
_cell.length_a   1.00
_cell.length_b   1.00
_cell.length_c   1.00
_cell.angle_alpha   90.00
_cell.angle_beta   90.00
_cell.angle_gamma   90.00
#
_symmetry.space_group_name_H-M   'P 1'
#
loop_
_entity.id
_entity.type
_entity.pdbx_description
1 polymer 'Angiotensin receptor AT1R'
2 polymer SAR1-AngII
3 polymer 'Guanine nucleotide-binding protein G(q) subunit alpha'
4 polymer 'Guanine nucleotide-binding protein G(I)/G(S)/G(T) subunit beta-1'
5 polymer 'Guanine nucleotide-binding protein G(I)/G(S)/G(O) subunit gamma-2'
6 non-polymer 2-acetamido-2-deoxy-beta-D-glucopyranose
7 non-polymer CHOLESTEROL
#
loop_
_entity_poly.entity_id
_entity_poly.type
_entity_poly.pdbx_seq_one_letter_code
_entity_poly.pdbx_strand_id
1 'polypeptide(L)'
;MDYKDDDDKHHHHHHHHHHENLYFQGKIEEGKLVIWINGDKGYNGLAEVGKKFEKDTGIKVTVEHPDKLEEKFPQVAATG
DGPDIIFWAHDRFGGYAQSGLLAEITPDKAFQDKLYPFTWDAVRYNGKLIAYPIAVEALSLIYNKDLLPNPPKTWEEIPA
LDKELKAKGKSALMFNLQEPYFTWPLIAADGGYAFKYAAGKYDIKDVGVDNAGAKAGLTFLVDLIKNKHMNADTDYSIAE
AAFNKGETAMTINGPWAWSNIDTSAVNYGVTVLPTFKGQPSKPFVGVLSAGINAASPNKELAKEFLENYLLTDEGLEAVN
KDKPLGAVALKSYEEELAKDPRIAATMENAQKGEIMPNIPQMSAFWYAVRTAVINAASGRQTVDEALKDAQTILNSSTED
GIKRIQDDCPKAGRHNYIFVMIPTLYSIIFVVGIFGNSLVVIVIYFYMKLKTVASVFLLNLALADLCALLTLPLWAVYTA
MEYRWPFGNYLCKIASASVSFNLYASVFLLTCLSIDRYLAIVHPMKSRLRRTMLVAKVTCIIIWLLAGLASLPAIIHRNV
FFIENTNITVCAFHYESQNSTLPIGLGLTKNILGFLFPFLIILTSYTLIWKALKKAYEIQKNKPRNDDIFKIIMAIVLFF
FFSWIPHQIFTFLDVLIQLGIIRDCRIADIVDTAMPITICIAYFNACLNPLFYGFLGKKFKRYFLQLLKYIPPKAKSHSN
LSTKM
;
A
2 'polypeptide(L)' (SAR)RVYIHPF L
3 'polypeptide(L)'
;MHHHHHHHHHHTLESIMACCLSEEAKEARRINDEIERQLRRDKRDARRELKLLLLGTGESGKSTFIKQMRIIHGSGYSDE
DKRGFTKLVYQNIFTAMQAMIRAMDTLKIPYKYEHNKAHAQLVREVDVEKVSAFENPYVDAIKSLWNDPGIQECYDRRRE
YQLSDSTKYYLNDLDRVADPAYLPTQQDVLRVQVPTTGIIEYPFDLQSVIFRMVDVGGLRSERRKWIHCFENVTSIMFLV
ALSEYDQVLVESDNENRMEESKALFRTIITYPWFQNSSVILFLNKKDLLEEKIMYSHLVDYFPEYDGPQRDAQAAREFIL
KMFVDLNPDSDKIIYSHFTCATDTENIRFVFAAVKDTILQLNLKEYNLV
;
B
4 'polypeptide(L)'
;MHHHHHHHHHHGSSGSELDQLRQEAEQLKNQIRDARKACADATLSQITNNIDPVGRIQMRTRRTLRGHLAKIYAMHWGTD
SRLLVSASQDGKLIIWDSYTTNKVHAIPLRSSWVMTCAYAPSGNYVACGGLDNICSIYNLKTREGNVRVSRELAGHTGYL
SCCRFLDDNQIVTSSGDTTCALWDIETGQQTTTFTGHTGDVMSLSLAPDTRLFVSGACDASAKLWDVREGMCRQTFTGHE
SDINAICFFPNGNAFATGSDDATCRLFDLRADQELMTYSHDNIICGITSVSFSKSGRLLLAGYDDFNCNVWDALKADRAG
VLAGHDNRVSCLGVTDDGMAVATGSWDSFLKIWN
;
C
5 'polypeptide(L)'
;MHHHHHHHHHHASNNTASIAQARKLVEQLKMEANIDRIKVSKAAADLMAYCEAHAKEDPLLTPVPASENPFREKKFFCAI
L
;
D
#
loop_
_chem_comp.id
_chem_comp.type
_chem_comp.name
_chem_comp.formula
CLR non-polymer CHOLESTEROL 'C27 H46 O'
NAG D-saccharide, beta linking 2-acetamido-2-deoxy-beta-D-glucopyranose 'C8 H15 N O6'
#
# COMPACT_ATOMS: atom_id res chain seq x y z
N ILE A 402 -17.91 -7.99 61.63
CA ILE A 402 -19.26 -7.70 61.15
C ILE A 402 -19.93 -6.70 62.08
N LYS A 403 -19.98 -5.44 61.65
CA LYS A 403 -20.56 -4.39 62.46
C LYS A 403 -22.07 -4.61 62.63
N ARG A 404 -22.57 -4.29 63.81
CA ARG A 404 -23.98 -4.48 64.14
C ARG A 404 -24.69 -3.13 64.13
N ILE A 405 -25.71 -3.01 63.27
CA ILE A 405 -26.48 -1.78 63.13
C ILE A 405 -27.95 -2.14 63.01
N GLN A 406 -28.80 -1.11 62.99
CA GLN A 406 -30.23 -1.26 62.80
C GLN A 406 -30.66 -0.61 61.49
N ASP A 407 -31.53 -1.29 60.75
CA ASP A 407 -32.06 -0.77 59.51
C ASP A 407 -33.23 0.16 59.82
N ASP A 408 -33.22 1.36 59.24
CA ASP A 408 -34.21 2.36 59.58
C ASP A 408 -35.61 1.91 59.21
N CYS A 409 -35.78 1.35 58.01
CA CYS A 409 -37.07 0.81 57.58
C CYS A 409 -36.78 -0.46 56.78
N PRO A 410 -36.87 -1.62 57.43
CA PRO A 410 -36.31 -2.85 56.84
C PRO A 410 -37.23 -3.58 55.88
N LYS A 411 -38.45 -3.09 55.65
CA LYS A 411 -39.38 -3.76 54.75
C LYS A 411 -39.36 -3.21 53.35
N ALA A 412 -38.49 -2.24 53.05
CA ALA A 412 -38.43 -1.67 51.71
C ALA A 412 -37.74 -2.61 50.75
N GLY A 413 -38.38 -2.87 49.61
CA GLY A 413 -37.81 -3.71 48.59
C GLY A 413 -37.92 -5.21 48.83
N ARG A 414 -38.54 -5.63 49.94
CA ARG A 414 -38.65 -7.05 50.25
C ARG A 414 -40.01 -7.55 49.79
N HIS A 415 -40.09 -7.88 48.50
CA HIS A 415 -41.30 -8.41 47.89
C HIS A 415 -41.00 -9.75 47.23
N ASN A 416 -42.03 -10.60 47.16
CA ASN A 416 -41.84 -11.94 46.61
C ASN A 416 -41.49 -11.89 45.13
N TYR A 417 -42.11 -10.98 44.38
CA TYR A 417 -41.88 -10.94 42.94
C TYR A 417 -40.53 -10.35 42.56
N ILE A 418 -39.79 -9.79 43.51
CA ILE A 418 -38.45 -9.30 43.21
C ILE A 418 -37.40 -10.38 43.45
N PHE A 419 -37.66 -11.32 44.34
CA PHE A 419 -36.67 -12.36 44.64
C PHE A 419 -36.62 -13.47 43.60
N VAL A 420 -37.53 -13.46 42.62
CA VAL A 420 -37.54 -14.45 41.56
C VAL A 420 -37.39 -13.82 40.18
N MET A 421 -38.07 -12.70 39.93
CA MET A 421 -38.00 -12.06 38.61
C MET A 421 -36.65 -11.42 38.37
N ILE A 422 -36.13 -10.69 39.36
CA ILE A 422 -34.86 -9.98 39.19
C ILE A 422 -33.69 -10.94 38.96
N PRO A 423 -33.51 -12.02 39.74
CA PRO A 423 -32.40 -12.94 39.45
C PRO A 423 -32.51 -13.58 38.08
N THR A 424 -33.73 -13.75 37.56
CA THR A 424 -33.88 -14.28 36.21
C THR A 424 -33.35 -13.29 35.17
N LEU A 425 -33.71 -12.01 35.32
CA LEU A 425 -33.24 -10.99 34.38
C LEU A 425 -31.72 -10.87 34.41
N TYR A 426 -31.13 -10.90 35.60
CA TYR A 426 -29.68 -10.83 35.72
C TYR A 426 -28.99 -11.97 34.99
N SER A 427 -29.52 -13.18 35.15
CA SER A 427 -28.95 -14.34 34.47
C SER A 427 -29.12 -14.25 32.96
N ILE A 428 -30.30 -13.80 32.50
CA ILE A 428 -30.56 -13.68 31.07
C ILE A 428 -29.60 -12.67 30.45
N ILE A 429 -29.44 -11.51 31.08
CA ILE A 429 -28.51 -10.50 30.58
C ILE A 429 -27.09 -11.05 30.58
N PHE A 430 -26.73 -11.83 31.60
CA PHE A 430 -25.40 -12.42 31.67
C PHE A 430 -25.14 -13.40 30.54
N VAL A 431 -26.12 -14.22 30.17
CA VAL A 431 -25.93 -15.17 29.09
C VAL A 431 -25.84 -14.45 27.74
N VAL A 432 -26.76 -13.52 27.51
CA VAL A 432 -26.78 -12.79 26.23
C VAL A 432 -25.53 -11.92 26.10
N GLY A 433 -25.16 -11.24 27.18
CA GLY A 433 -24.04 -10.33 27.11
C GLY A 433 -22.71 -11.01 26.86
N ILE A 434 -22.51 -12.19 27.44
CA ILE A 434 -21.28 -12.94 27.17
C ILE A 434 -21.27 -13.42 25.72
N PHE A 435 -22.40 -13.92 25.23
CA PHE A 435 -22.46 -14.40 23.85
C PHE A 435 -22.19 -13.28 22.86
N GLY A 436 -22.73 -12.09 23.10
CA GLY A 436 -22.54 -10.97 22.21
C GLY A 436 -21.17 -10.32 22.26
N ASN A 437 -20.77 -9.86 23.46
CA ASN A 437 -19.54 -9.10 23.58
C ASN A 437 -18.32 -9.94 23.25
N SER A 438 -18.28 -11.19 23.72
CA SER A 438 -17.14 -12.05 23.45
C SER A 438 -17.00 -12.33 21.96
N LEU A 439 -18.13 -12.41 21.24
CA LEU A 439 -18.09 -12.60 19.81
C LEU A 439 -17.42 -11.40 19.13
N VAL A 440 -17.69 -10.20 19.62
CA VAL A 440 -17.11 -9.00 19.02
C VAL A 440 -15.61 -8.95 19.25
N VAL A 441 -15.15 -9.34 20.44
CA VAL A 441 -13.71 -9.29 20.75
C VAL A 441 -12.94 -10.22 19.84
N ILE A 442 -13.52 -11.37 19.49
CA ILE A 442 -12.87 -12.28 18.55
C ILE A 442 -12.70 -11.61 17.19
N VAL A 443 -13.75 -10.94 16.71
CA VAL A 443 -13.72 -10.37 15.36
C VAL A 443 -12.66 -9.28 15.26
N ILE A 444 -12.60 -8.40 16.26
CA ILE A 444 -11.68 -7.26 16.18
C ILE A 444 -10.23 -7.73 16.21
N TYR A 445 -9.93 -8.75 17.01
CA TYR A 445 -8.56 -9.24 17.10
C TYR A 445 -8.14 -10.10 15.93
N PHE A 446 -9.08 -10.79 15.28
CA PHE A 446 -8.76 -11.74 14.22
C PHE A 446 -8.93 -11.17 12.82
N TYR A 447 -9.86 -10.24 12.61
CA TYR A 447 -10.18 -9.77 11.28
C TYR A 447 -9.89 -8.29 11.09
N MET A 448 -10.33 -7.43 12.01
CA MET A 448 -9.97 -6.03 11.91
C MET A 448 -8.51 -5.79 12.26
N LYS A 449 -7.93 -6.67 13.10
CA LYS A 449 -6.50 -6.75 13.39
C LYS A 449 -5.94 -5.54 14.11
N LEU A 450 -6.77 -4.65 14.63
CA LEU A 450 -6.33 -3.53 15.47
C LEU A 450 -5.30 -2.65 14.77
N LYS A 451 -5.56 -2.34 13.50
CA LYS A 451 -4.70 -1.47 12.72
C LYS A 451 -5.15 -0.02 12.72
N THR A 452 -6.33 0.27 13.26
CA THR A 452 -6.91 1.60 13.19
C THR A 452 -7.31 2.08 14.58
N VAL A 453 -7.46 3.40 14.70
CA VAL A 453 -7.91 3.98 15.97
C VAL A 453 -9.30 3.49 16.33
N ALA A 454 -10.14 3.28 15.31
CA ALA A 454 -11.48 2.76 15.55
C ALA A 454 -11.44 1.42 16.27
N SER A 455 -10.47 0.57 15.94
CA SER A 455 -10.37 -0.74 16.56
C SER A 455 -10.04 -0.62 18.04
N VAL A 456 -9.16 0.31 18.39
CA VAL A 456 -8.75 0.48 19.78
C VAL A 456 -9.95 0.87 20.64
N PHE A 457 -10.74 1.83 20.17
CA PHE A 457 -11.90 2.27 20.94
C PHE A 457 -12.98 1.20 21.00
N LEU A 458 -13.21 0.50 19.89
CA LEU A 458 -14.25 -0.51 19.87
C LEU A 458 -13.87 -1.72 20.71
N LEU A 459 -12.57 -2.00 20.82
CA LEU A 459 -12.14 -3.11 21.66
C LEU A 459 -12.33 -2.80 23.14
N ASN A 460 -11.98 -1.59 23.56
CA ASN A 460 -12.13 -1.22 24.97
C ASN A 460 -13.59 -1.19 25.37
N LEU A 461 -14.47 -0.69 24.50
CA LEU A 461 -15.89 -0.66 24.81
C LEU A 461 -16.44 -2.07 24.99
N ALA A 462 -16.01 -3.00 24.14
CA ALA A 462 -16.45 -4.39 24.29
C ALA A 462 -15.87 -5.01 25.56
N LEU A 463 -14.63 -4.65 25.90
CA LEU A 463 -14.02 -5.18 27.11
C LEU A 463 -14.72 -4.67 28.37
N ALA A 464 -15.07 -3.39 28.40
CA ALA A 464 -15.72 -2.82 29.57
C ALA A 464 -17.09 -3.46 29.82
N ASP A 465 -17.84 -3.71 28.74
CA ASP A 465 -19.14 -4.37 28.90
C ASP A 465 -18.98 -5.82 29.32
N LEU A 466 -17.90 -6.47 28.88
CA LEU A 466 -17.68 -7.87 29.25
C LEU A 466 -17.36 -8.00 30.72
N CYS A 467 -16.53 -7.11 31.27
CA CYS A 467 -16.13 -7.21 32.66
C CYS A 467 -17.27 -6.84 33.61
N ALA A 468 -18.16 -5.95 33.19
CA ALA A 468 -19.30 -5.60 34.03
C ALA A 468 -20.21 -6.78 34.26
N LEU A 469 -20.39 -7.63 33.24
CA LEU A 469 -21.27 -8.78 33.34
C LEU A 469 -20.66 -9.91 34.14
N LEU A 470 -19.35 -9.89 34.39
CA LEU A 470 -18.68 -11.03 35.01
C LEU A 470 -19.20 -11.28 36.41
N THR A 471 -19.41 -10.23 37.20
CA THR A 471 -19.84 -10.36 38.58
C THR A 471 -21.35 -10.35 38.73
N LEU A 472 -22.09 -10.37 37.63
CA LEU A 472 -23.55 -10.38 37.71
C LEU A 472 -24.12 -11.60 38.43
N PRO A 473 -23.64 -12.83 38.22
CA PRO A 473 -24.22 -13.96 38.97
C PRO A 473 -24.13 -13.82 40.48
N LEU A 474 -23.09 -13.15 40.98
CA LEU A 474 -22.99 -12.93 42.42
C LEU A 474 -24.18 -12.14 42.94
N TRP A 475 -24.56 -11.07 42.24
CA TRP A 475 -25.71 -10.28 42.64
C TRP A 475 -27.02 -11.01 42.35
N ALA A 476 -27.00 -11.97 41.42
CA ALA A 476 -28.22 -12.71 41.10
C ALA A 476 -28.61 -13.63 42.24
N VAL A 477 -27.62 -14.27 42.89
CA VAL A 477 -27.94 -15.17 43.99
C VAL A 477 -28.07 -14.39 45.30
N TYR A 478 -27.42 -13.24 45.42
CA TYR A 478 -27.62 -12.39 46.60
C TYR A 478 -29.04 -11.88 46.67
N THR A 479 -29.62 -11.49 45.52
CA THR A 479 -31.01 -11.07 45.50
C THR A 479 -31.96 -12.26 45.60
N ALA A 480 -31.52 -13.44 45.15
CA ALA A 480 -32.38 -14.61 45.18
C ALA A 480 -32.67 -15.05 46.61
N MET A 481 -31.68 -14.95 47.49
CA MET A 481 -31.84 -15.38 48.89
C MET A 481 -32.29 -14.23 49.78
N GLU A 482 -33.34 -13.51 49.35
CA GLU A 482 -33.97 -12.45 50.15
C GLU A 482 -32.94 -11.49 50.73
N TYR A 483 -31.95 -11.11 49.90
CA TYR A 483 -30.92 -10.13 50.31
C TYR A 483 -30.06 -10.62 51.48
N ARG A 484 -29.39 -11.76 51.32
CA ARG A 484 -28.45 -12.25 52.37
C ARG A 484 -27.09 -12.44 51.70
N TRP A 485 -26.01 -11.88 52.28
CA TRP A 485 -24.67 -11.96 51.63
C TRP A 485 -23.86 -13.13 52.23
N PRO A 486 -23.71 -14.32 51.57
CA PRO A 486 -22.90 -15.41 52.13
C PRO A 486 -21.46 -15.47 51.63
N PHE A 487 -20.99 -14.48 50.89
CA PHE A 487 -19.71 -14.58 50.20
C PHE A 487 -18.54 -14.05 51.00
N GLY A 488 -18.80 -13.23 52.02
CA GLY A 488 -17.72 -12.68 52.86
C GLY A 488 -17.37 -11.26 52.49
N ASN A 489 -16.67 -10.54 53.37
CA ASN A 489 -16.39 -9.10 53.13
C ASN A 489 -15.50 -8.92 51.89
N TYR A 490 -14.45 -9.73 51.73
CA TYR A 490 -13.48 -9.52 50.62
C TYR A 490 -14.19 -9.63 49.25
N LEU A 491 -15.26 -10.41 49.18
CA LEU A 491 -15.97 -10.60 47.92
C LEU A 491 -16.93 -9.44 47.65
N CYS A 492 -17.57 -8.91 48.69
CA CYS A 492 -18.41 -7.74 48.48
C CYS A 492 -17.58 -6.49 48.22
N LYS A 493 -16.35 -6.46 48.73
CA LYS A 493 -15.45 -5.36 48.41
C LYS A 493 -15.14 -5.34 46.91
N ILE A 494 -14.95 -6.51 46.32
CA ILE A 494 -14.58 -6.60 44.91
C ILE A 494 -15.82 -6.50 44.02
N ALA A 495 -16.88 -7.20 44.38
CA ALA A 495 -18.06 -7.28 43.52
C ALA A 495 -18.72 -5.91 43.35
N SER A 496 -18.75 -5.12 44.41
CA SER A 496 -19.28 -3.76 44.29
C SER A 496 -18.40 -2.91 43.40
N ALA A 497 -17.08 -3.05 43.53
CA ALA A 497 -16.16 -2.27 42.72
C ALA A 497 -16.19 -2.71 41.27
N SER A 498 -16.41 -4.01 41.03
CA SER A 498 -16.40 -4.52 39.66
C SER A 498 -17.53 -3.90 38.83
N VAL A 499 -18.73 -3.78 39.42
CA VAL A 499 -19.85 -3.20 38.69
C VAL A 499 -19.63 -1.72 38.44
N SER A 500 -19.29 -0.98 39.50
CA SER A 500 -19.16 0.47 39.37
C SER A 500 -18.02 0.86 38.45
N PHE A 501 -16.90 0.16 38.55
CA PHE A 501 -15.71 0.51 37.73
C PHE A 501 -16.02 0.32 36.25
N ASN A 502 -16.49 -0.88 35.88
CA ASN A 502 -16.76 -1.20 34.45
C ASN A 502 -17.88 -0.32 33.89
N LEU A 503 -18.93 -0.07 34.67
CA LEU A 503 -20.07 0.75 34.18
C LEU A 503 -19.61 2.18 33.91
N TYR A 504 -18.78 2.75 34.79
CA TYR A 504 -18.24 4.08 34.55
C TYR A 504 -17.39 4.11 33.29
N ALA A 505 -16.59 3.07 33.07
CA ALA A 505 -15.75 3.02 31.88
C ALA A 505 -16.58 2.85 30.63
N SER A 506 -17.69 2.11 30.71
CA SER A 506 -18.56 1.94 29.55
C SER A 506 -19.18 3.27 29.14
N VAL A 507 -19.58 4.08 30.11
CA VAL A 507 -20.16 5.39 29.79
C VAL A 507 -19.09 6.34 29.26
N PHE A 508 -17.90 6.32 29.86
CA PHE A 508 -16.84 7.22 29.43
C PHE A 508 -16.32 6.85 28.05
N LEU A 509 -16.28 5.56 27.73
CA LEU A 509 -15.81 5.14 26.41
C LEU A 509 -16.77 5.56 25.32
N LEU A 510 -18.08 5.49 25.57
CA LEU A 510 -19.05 5.93 24.58
C LEU A 510 -18.91 7.42 24.30
N THR A 511 -18.52 8.21 25.31
CA THR A 511 -18.26 9.62 25.09
C THR A 511 -17.02 9.81 24.22
N CYS A 512 -16.01 8.95 24.38
CA CYS A 512 -14.80 9.06 23.57
C CYS A 512 -15.06 8.68 22.12
N LEU A 513 -15.87 7.63 21.89
CA LEU A 513 -16.27 7.29 20.54
C LEU A 513 -17.05 8.41 19.88
N SER A 514 -17.89 9.11 20.66
CA SER A 514 -18.66 10.21 20.12
C SER A 514 -17.76 11.34 19.64
N ILE A 515 -16.75 11.69 20.43
CA ILE A 515 -15.83 12.75 20.02
C ILE A 515 -14.94 12.26 18.88
N ASP A 516 -14.48 11.01 18.95
CA ASP A 516 -13.60 10.49 17.93
C ASP A 516 -14.31 10.35 16.58
N ARG A 517 -15.58 9.93 16.60
CA ARG A 517 -16.35 9.88 15.36
C ARG A 517 -16.57 11.27 14.80
N TYR A 518 -16.77 12.27 15.67
CA TYR A 518 -17.00 13.63 15.20
C TYR A 518 -15.80 14.15 14.43
N LEU A 519 -14.59 13.88 14.92
CA LEU A 519 -13.38 14.34 14.22
C LEU A 519 -13.23 13.67 12.87
N ALA A 520 -13.48 12.36 12.80
CA ALA A 520 -13.23 11.61 11.58
C ALA A 520 -14.27 11.86 10.50
N ILE A 521 -15.43 12.40 10.86
CA ILE A 521 -16.48 12.66 9.87
C ILE A 521 -16.56 14.13 9.50
N VAL A 522 -16.61 15.00 10.51
CA VAL A 522 -16.78 16.46 10.24
C VAL A 522 -15.46 17.06 9.74
N HIS A 523 -14.33 16.48 10.16
CA HIS A 523 -13.00 16.98 9.72
C HIS A 523 -12.16 15.81 9.18
N PRO A 524 -12.46 15.24 8.00
CA PRO A 524 -11.73 14.06 7.52
C PRO A 524 -10.29 14.39 7.10
N MET A 525 -10.00 15.64 6.71
CA MET A 525 -8.67 16.00 6.23
C MET A 525 -7.75 16.38 7.37
N LYS A 526 -8.19 17.27 8.26
CA LYS A 526 -7.31 17.79 9.30
C LYS A 526 -7.06 16.77 10.40
N SER A 527 -8.00 15.85 10.65
CA SER A 527 -7.82 14.89 11.73
C SER A 527 -6.77 13.84 11.40
N ARG A 528 -6.35 13.72 10.15
CA ARG A 528 -5.36 12.72 9.79
C ARG A 528 -4.01 13.01 10.45
N LEU A 529 -3.71 14.28 10.69
CA LEU A 529 -2.43 14.63 11.31
C LEU A 529 -2.37 14.22 12.77
N ARG A 530 -3.50 14.27 13.48
CA ARG A 530 -3.54 14.08 14.93
C ARG A 530 -4.03 12.70 15.35
N ARG A 531 -5.03 12.15 14.66
CA ARG A 531 -5.67 10.91 15.09
C ARG A 531 -4.73 9.74 14.79
N THR A 532 -3.71 9.60 15.62
CA THR A 532 -2.73 8.54 15.50
C THR A 532 -3.01 7.45 16.54
N MET A 533 -2.32 6.32 16.38
CA MET A 533 -2.52 5.19 17.28
C MET A 533 -2.09 5.53 18.70
N LEU A 534 -1.02 6.31 18.86
CA LEU A 534 -0.52 6.62 20.19
C LEU A 534 -1.54 7.40 21.01
N VAL A 535 -2.21 8.37 20.38
CA VAL A 535 -3.18 9.18 21.12
C VAL A 535 -4.36 8.32 21.57
N ALA A 536 -4.72 7.31 20.78
CA ALA A 536 -5.77 6.40 21.20
C ALA A 536 -5.38 5.64 22.47
N LYS A 537 -4.13 5.19 22.55
CA LYS A 537 -3.69 4.43 23.72
C LYS A 537 -3.68 5.31 24.97
N VAL A 538 -3.24 6.55 24.84
CA VAL A 538 -3.22 7.47 25.98
C VAL A 538 -4.64 7.77 26.43
N THR A 539 -5.55 8.00 25.50
CA THR A 539 -6.94 8.29 25.85
C THR A 539 -7.59 7.12 26.56
N CYS A 540 -7.32 5.90 26.08
CA CYS A 540 -7.95 4.73 26.68
C CYS A 540 -7.49 4.50 28.12
N ILE A 541 -6.19 4.62 28.38
CA ILE A 541 -5.70 4.38 29.73
C ILE A 541 -6.19 5.47 30.68
N ILE A 542 -6.28 6.71 30.20
CA ILE A 542 -6.78 7.80 31.02
C ILE A 542 -8.25 7.56 31.36
N ILE A 543 -9.01 7.00 30.42
CA ILE A 543 -10.42 6.70 30.68
C ILE A 543 -10.54 5.68 31.80
N TRP A 544 -9.76 4.61 31.73
CA TRP A 544 -9.83 3.57 32.76
C TRP A 544 -9.35 4.10 34.11
N LEU A 545 -8.30 4.92 34.11
CA LEU A 545 -7.85 5.53 35.35
C LEU A 545 -8.91 6.44 35.95
N LEU A 546 -9.58 7.23 35.11
CA LEU A 546 -10.62 8.13 35.60
C LEU A 546 -11.83 7.36 36.12
N ALA A 547 -12.11 6.20 35.54
CA ALA A 547 -13.19 5.36 36.05
C ALA A 547 -12.84 4.78 37.41
N GLY A 548 -11.56 4.45 37.61
CA GLY A 548 -11.14 3.91 38.90
C GLY A 548 -11.27 4.94 40.02
N LEU A 549 -10.95 6.20 39.73
CA LEU A 549 -11.09 7.24 40.74
C LEU A 549 -12.55 7.53 41.06
N ALA A 550 -13.45 7.35 40.09
CA ALA A 550 -14.88 7.52 40.37
C ALA A 550 -15.42 6.33 41.15
N SER A 551 -14.92 5.14 40.87
CA SER A 551 -15.34 3.94 41.57
C SER A 551 -14.68 3.77 42.93
N LEU A 552 -13.69 4.60 43.27
CA LEU A 552 -12.98 4.45 44.53
C LEU A 552 -13.88 4.65 45.75
N PRO A 553 -14.77 5.65 45.83
CA PRO A 553 -15.66 5.72 47.00
C PRO A 553 -16.48 4.47 47.22
N ALA A 554 -16.81 3.74 46.15
CA ALA A 554 -17.59 2.52 46.31
C ALA A 554 -16.81 1.44 47.05
N ILE A 555 -15.55 1.25 46.68
CA ILE A 555 -14.75 0.20 47.32
C ILE A 555 -14.42 0.56 48.76
N ILE A 556 -14.50 1.85 49.10
CA ILE A 556 -14.20 2.29 50.49
C ILE A 556 -15.44 2.07 51.38
N HIS A 557 -16.54 2.78 51.10
CA HIS A 557 -17.75 2.69 51.97
C HIS A 557 -18.38 1.29 51.97
N ARG A 558 -18.43 0.61 50.82
CA ARG A 558 -19.12 -0.70 50.76
C ARG A 558 -18.56 -1.63 51.84
N ASN A 559 -19.44 -2.21 52.67
CA ASN A 559 -19.00 -3.08 53.75
C ASN A 559 -20.16 -3.98 54.17
N VAL A 560 -19.82 -5.09 54.79
CA VAL A 560 -20.81 -6.05 55.28
C VAL A 560 -21.29 -5.60 56.65
N PHE A 561 -22.60 -5.64 56.85
CA PHE A 561 -23.22 -5.23 58.11
C PHE A 561 -24.15 -6.31 58.63
N PHE A 562 -24.39 -6.28 59.93
CA PHE A 562 -25.35 -7.17 60.58
C PHE A 562 -26.57 -6.35 60.96
N ILE A 563 -27.73 -6.72 60.45
CA ILE A 563 -28.97 -5.99 60.69
C ILE A 563 -29.66 -6.62 61.89
N GLU A 564 -29.54 -5.96 63.06
CA GLU A 564 -30.09 -6.55 64.30
C GLU A 564 -31.61 -6.69 64.20
N ASN A 565 -32.25 -5.84 63.39
CA ASN A 565 -33.73 -5.86 63.27
C ASN A 565 -34.20 -7.19 62.68
N THR A 566 -33.50 -7.71 61.66
CA THR A 566 -33.96 -8.94 60.97
C THR A 566 -32.93 -10.07 61.12
N ASN A 567 -31.81 -9.81 61.79
CA ASN A 567 -30.72 -10.82 61.96
C ASN A 567 -30.25 -11.30 60.58
N ILE A 568 -30.16 -10.37 59.61
CA ILE A 568 -29.74 -10.74 58.22
C ILE A 568 -28.42 -10.05 57.91
N THR A 569 -27.45 -10.78 57.35
CA THR A 569 -26.13 -10.20 57.00
C THR A 569 -26.16 -9.62 55.58
N VAL A 570 -26.29 -8.29 55.45
CA VAL A 570 -26.25 -7.66 54.15
C VAL A 570 -24.92 -6.93 54.02
N CYS A 571 -24.51 -6.66 52.78
CA CYS A 571 -23.35 -5.82 52.53
C CYS A 571 -23.79 -4.65 51.66
N ALA A 572 -23.55 -3.44 52.16
CA ALA A 572 -24.20 -2.27 51.62
C ALA A 572 -23.47 -1.02 52.11
N PHE A 573 -24.02 0.15 51.76
CA PHE A 573 -23.43 1.43 52.23
C PHE A 573 -24.32 1.92 53.38
N HIS A 574 -23.72 2.45 54.44
CA HIS A 574 -24.53 2.88 55.61
C HIS A 574 -24.58 4.41 55.65
N TYR A 575 -25.80 4.97 55.57
CA TYR A 575 -25.96 6.44 55.68
C TYR A 575 -26.30 6.73 57.14
N GLU A 576 -25.29 6.73 58.00
CA GLU A 576 -25.52 6.87 59.45
C GLU A 576 -25.95 8.29 59.82
N SER A 577 -25.49 9.29 59.10
CA SER A 577 -25.79 10.68 59.42
C SER A 577 -26.88 11.22 58.50
N GLN A 578 -27.57 12.26 58.98
CA GLN A 578 -28.59 12.90 58.15
C GLN A 578 -27.96 13.70 57.01
N ASN A 579 -26.72 14.16 57.19
CA ASN A 579 -25.98 14.78 56.10
C ASN A 579 -25.09 13.78 55.37
N SER A 580 -24.14 13.20 56.10
CA SER A 580 -23.26 12.15 55.59
C SER A 580 -22.69 12.52 54.22
N THR A 581 -21.88 13.58 54.21
CA THR A 581 -21.48 14.21 52.97
C THR A 581 -20.65 13.28 52.08
N LEU A 582 -19.74 12.51 52.67
CA LEU A 582 -18.90 11.63 51.85
C LEU A 582 -19.70 10.55 51.12
N PRO A 583 -20.58 9.79 51.77
CA PRO A 583 -21.37 8.81 51.01
C PRO A 583 -22.30 9.41 49.97
N ILE A 584 -22.81 10.62 50.18
CA ILE A 584 -23.68 11.22 49.16
C ILE A 584 -22.91 11.81 47.99
N GLY A 585 -21.60 11.96 48.13
CA GLY A 585 -20.78 12.24 46.96
C GLY A 585 -20.77 11.09 45.97
N LEU A 586 -21.03 9.88 46.46
CA LEU A 586 -21.24 8.74 45.57
C LEU A 586 -22.53 8.91 44.77
N GLY A 587 -23.58 9.42 45.41
CA GLY A 587 -24.85 9.59 44.72
C GLY A 587 -24.80 10.63 43.62
N LEU A 588 -24.15 11.76 43.89
CA LEU A 588 -24.10 12.83 42.90
C LEU A 588 -23.10 12.55 41.79
N THR A 589 -22.03 11.80 42.10
CA THR A 589 -21.07 11.45 41.05
C THR A 589 -21.72 10.60 39.96
N LYS A 590 -22.58 9.66 40.36
CA LYS A 590 -23.33 8.88 39.38
C LYS A 590 -24.27 9.78 38.57
N ASN A 591 -24.73 10.87 39.18
CA ASN A 591 -25.75 11.69 38.52
C ASN A 591 -25.12 12.74 37.61
N ILE A 592 -24.04 13.38 38.05
CA ILE A 592 -23.44 14.48 37.29
C ILE A 592 -22.35 13.95 36.38
N LEU A 593 -21.37 13.25 36.95
CA LEU A 593 -20.27 12.71 36.16
C LEU A 593 -20.64 11.45 35.41
N GLY A 594 -21.86 10.93 35.59
CA GLY A 594 -22.24 9.70 34.95
C GLY A 594 -23.31 9.85 33.89
N PHE A 595 -24.17 10.87 34.00
CA PHE A 595 -25.20 11.07 33.00
C PHE A 595 -25.14 12.44 32.34
N LEU A 596 -25.06 13.53 33.10
CA LEU A 596 -25.16 14.86 32.50
C LEU A 596 -23.99 15.14 31.57
N PHE A 597 -22.77 15.15 32.10
CA PHE A 597 -21.62 15.45 31.26
C PHE A 597 -21.44 14.47 30.11
N PRO A 598 -21.52 13.14 30.30
CA PRO A 598 -21.43 12.25 29.13
C PRO A 598 -22.53 12.47 28.11
N PHE A 599 -23.76 12.79 28.53
CA PHE A 599 -24.83 12.92 27.56
C PHE A 599 -24.75 14.23 26.80
N LEU A 600 -24.28 15.30 27.46
CA LEU A 600 -24.13 16.57 26.75
C LEU A 600 -23.12 16.47 25.64
N ILE A 601 -22.01 15.77 25.88
CA ILE A 601 -21.00 15.57 24.83
C ILE A 601 -21.56 14.68 23.73
N ILE A 602 -22.24 13.59 24.10
CA ILE A 602 -22.78 12.67 23.10
C ILE A 602 -23.83 13.38 22.25
N LEU A 603 -24.67 14.19 22.88
CA LEU A 603 -25.70 14.93 22.15
C LEU A 603 -25.09 15.96 21.22
N THR A 604 -24.07 16.68 21.70
CA THR A 604 -23.46 17.73 20.89
C THR A 604 -22.74 17.16 19.68
N SER A 605 -21.96 16.10 19.88
CA SER A 605 -21.15 15.57 18.78
C SER A 605 -22.02 14.94 17.69
N TYR A 606 -23.05 14.19 18.08
CA TYR A 606 -23.89 13.56 17.07
C TYR A 606 -24.82 14.55 16.40
N THR A 607 -25.06 15.71 17.03
CA THR A 607 -25.80 16.77 16.36
C THR A 607 -24.96 17.43 15.28
N LEU A 608 -23.67 17.64 15.55
CA LEU A 608 -22.79 18.23 14.54
C LEU A 608 -22.48 17.22 13.43
N ILE A 609 -22.44 15.94 13.77
CA ILE A 609 -22.31 14.91 12.75
C ILE A 609 -23.55 14.90 11.85
N TRP A 610 -24.72 15.14 12.44
CA TRP A 610 -25.96 15.13 11.67
C TRP A 610 -25.96 16.24 10.62
N LYS A 611 -25.53 17.44 11.01
CA LYS A 611 -25.48 18.55 10.06
C LYS A 611 -24.49 18.27 8.94
N ALA A 612 -23.32 17.74 9.28
CA ALA A 612 -22.28 17.52 8.28
C ALA A 612 -22.71 16.49 7.25
N LEU A 613 -23.38 15.42 7.68
CA LEU A 613 -23.80 14.38 6.74
C LEU A 613 -24.92 14.88 5.82
N LYS A 614 -25.76 15.80 6.29
CA LYS A 614 -26.76 16.40 5.43
C LYS A 614 -26.09 17.21 4.32
N LYS A 615 -25.14 18.07 4.69
CA LYS A 615 -24.43 18.88 3.70
C LYS A 615 -23.60 18.00 2.76
N ALA A 616 -22.94 16.98 3.31
CA ALA A 616 -22.10 16.11 2.48
C ALA A 616 -22.93 15.30 1.50
N TYR A 617 -24.09 14.79 1.93
CA TYR A 617 -24.90 13.96 1.06
C TYR A 617 -25.61 14.78 0.00
N GLU A 618 -25.93 16.04 0.30
CA GLU A 618 -26.61 16.89 -0.68
C GLU A 618 -25.68 17.42 -1.75
N ILE A 619 -24.40 17.64 -1.42
CA ILE A 619 -23.46 18.17 -2.40
C ILE A 619 -23.16 17.12 -3.46
N GLN A 620 -22.84 15.90 -3.01
CA GLN A 620 -22.52 14.81 -3.97
C GLN A 620 -23.82 14.37 -4.65
N LYS A 621 -24.85 14.08 -3.86
CA LYS A 621 -26.18 13.68 -4.41
C LYS A 621 -26.01 12.46 -5.32
N ASN A 622 -25.12 11.53 -4.94
CA ASN A 622 -24.84 10.33 -5.79
C ASN A 622 -25.23 9.07 -5.02
N LYS A 623 -26.39 8.49 -5.33
CA LYS A 623 -26.86 7.22 -4.67
C LYS A 623 -26.76 7.30 -3.15
N PRO A 624 -27.24 8.37 -2.47
CA PRO A 624 -27.06 8.49 -1.02
C PRO A 624 -27.94 7.51 -0.22
N ARG A 625 -27.39 6.94 0.86
CA ARG A 625 -28.20 6.03 1.73
C ARG A 625 -28.60 6.81 2.97
N ASN A 626 -29.38 7.88 2.80
CA ASN A 626 -29.77 8.73 3.92
C ASN A 626 -30.47 7.92 5.01
N ASP A 627 -31.16 6.86 4.62
CA ASP A 627 -31.97 6.11 5.58
C ASP A 627 -31.11 5.44 6.65
N ASP A 628 -30.09 4.69 6.23
CA ASP A 628 -29.39 3.82 7.17
C ASP A 628 -28.50 4.60 8.12
N ILE A 629 -27.77 5.59 7.60
CA ILE A 629 -26.84 6.33 8.43
C ILE A 629 -27.60 7.18 9.45
N PHE A 630 -28.75 7.74 9.06
CA PHE A 630 -29.46 8.64 9.96
C PHE A 630 -30.32 7.88 10.96
N LYS A 631 -30.77 6.67 10.60
CA LYS A 631 -31.47 5.84 11.57
C LYS A 631 -30.57 5.41 12.71
N ILE A 632 -29.31 5.09 12.39
CA ILE A 632 -28.37 4.61 13.40
C ILE A 632 -28.04 5.70 14.40
N ILE A 633 -27.88 6.94 13.93
CA ILE A 633 -27.54 8.04 14.82
C ILE A 633 -28.67 8.31 15.80
N MET A 634 -29.91 8.28 15.31
CA MET A 634 -31.06 8.45 16.21
C MET A 634 -31.19 7.28 17.17
N ALA A 635 -30.96 6.06 16.67
CA ALA A 635 -31.03 4.89 17.54
C ALA A 635 -29.97 4.93 18.64
N ILE A 636 -28.76 5.36 18.29
CA ILE A 636 -27.66 5.37 19.25
C ILE A 636 -27.89 6.40 20.33
N VAL A 637 -28.28 7.61 19.94
CA VAL A 637 -28.41 8.70 20.91
C VAL A 637 -29.59 8.47 21.84
N LEU A 638 -30.73 8.06 21.28
CA LEU A 638 -31.93 7.92 22.09
C LEU A 638 -31.87 6.68 22.98
N PHE A 639 -31.25 5.60 22.51
CA PHE A 639 -31.16 4.40 23.34
C PHE A 639 -30.32 4.65 24.58
N PHE A 640 -29.24 5.42 24.44
CA PHE A 640 -28.42 5.76 25.61
C PHE A 640 -29.24 6.57 26.61
N PHE A 641 -30.04 7.52 26.12
CA PHE A 641 -30.82 8.37 27.01
C PHE A 641 -31.90 7.59 27.73
N PHE A 642 -32.67 6.78 27.00
CA PHE A 642 -33.82 6.12 27.59
C PHE A 642 -33.49 4.79 28.24
N SER A 643 -32.23 4.38 28.25
CA SER A 643 -31.80 3.23 29.01
C SER A 643 -31.07 3.61 30.29
N TRP A 644 -30.70 4.88 30.45
CA TRP A 644 -30.01 5.35 31.63
C TRP A 644 -30.83 6.32 32.47
N ILE A 645 -31.84 6.95 31.90
CA ILE A 645 -32.60 7.98 32.61
C ILE A 645 -33.47 7.42 33.74
N PRO A 646 -33.99 6.18 33.69
CA PRO A 646 -34.72 5.71 34.88
C PRO A 646 -33.83 5.52 36.09
N HIS A 647 -32.63 4.98 35.90
CA HIS A 647 -31.72 4.78 37.02
C HIS A 647 -31.24 6.11 37.59
N GLN A 648 -30.97 7.10 36.73
CA GLN A 648 -30.49 8.38 37.22
C GLN A 648 -31.59 9.15 37.93
N ILE A 649 -32.85 8.93 37.55
CA ILE A 649 -33.96 9.54 38.29
C ILE A 649 -34.05 8.95 39.69
N PHE A 650 -34.01 7.63 39.81
CA PHE A 650 -34.16 6.99 41.10
C PHE A 650 -32.91 7.12 41.96
N THR A 651 -31.73 7.29 41.33
CA THR A 651 -30.55 7.63 42.09
C THR A 651 -30.69 9.01 42.73
N PHE A 652 -31.27 9.96 42.00
CA PHE A 652 -31.50 11.29 42.56
C PHE A 652 -32.49 11.25 43.72
N LEU A 653 -33.55 10.44 43.59
CA LEU A 653 -34.51 10.31 44.67
C LEU A 653 -33.86 9.76 45.93
N ASP A 654 -33.01 8.73 45.78
CA ASP A 654 -32.34 8.16 46.93
C ASP A 654 -31.42 9.18 47.60
N VAL A 655 -30.90 10.13 46.83
CA VAL A 655 -30.10 11.21 47.41
C VAL A 655 -30.99 12.10 48.27
N LEU A 656 -32.21 12.39 47.79
CA LEU A 656 -33.14 13.19 48.58
C LEU A 656 -33.56 12.47 49.84
N ILE A 657 -33.74 11.15 49.75
CA ILE A 657 -34.12 10.35 50.96
C ILE A 657 -33.03 10.55 52.00
N GLN A 658 -31.77 10.36 51.61
CA GLN A 658 -30.62 10.44 52.56
C GLN A 658 -30.53 11.81 53.21
N LEU A 659 -30.65 12.88 52.41
CA LEU A 659 -30.46 14.26 52.97
C LEU A 659 -31.49 14.48 54.08
N GLY A 660 -32.70 13.94 53.90
CA GLY A 660 -33.75 14.10 54.92
C GLY A 660 -34.94 14.78 54.29
N ILE A 661 -34.79 15.20 53.03
CA ILE A 661 -35.91 15.84 52.33
C ILE A 661 -37.09 14.89 52.25
N ILE A 662 -36.82 13.59 52.08
CA ILE A 662 -37.84 12.56 52.00
C ILE A 662 -37.66 11.64 53.20
N ARG A 663 -38.76 11.36 53.91
CA ARG A 663 -38.66 10.60 55.15
C ARG A 663 -39.66 9.45 55.22
N ASP A 664 -40.80 9.60 54.53
CA ASP A 664 -41.82 8.55 54.56
C ASP A 664 -41.29 7.26 53.94
N CYS A 665 -41.54 6.14 54.62
CA CYS A 665 -41.14 4.85 54.07
C CYS A 665 -42.14 4.30 53.07
N ARG A 666 -43.32 4.93 52.91
CA ARG A 666 -44.22 4.49 51.86
C ARG A 666 -43.63 4.68 50.48
N ILE A 667 -42.84 5.73 50.28
CA ILE A 667 -42.13 5.94 49.01
C ILE A 667 -40.66 5.55 49.11
N ALA A 668 -40.11 5.39 50.30
CA ALA A 668 -38.83 4.70 50.41
C ALA A 668 -38.98 3.22 50.10
N ASP A 669 -40.21 2.72 50.10
CA ASP A 669 -40.46 1.33 49.71
C ASP A 669 -40.38 1.17 48.20
N ILE A 670 -40.92 2.13 47.44
CA ILE A 670 -40.88 2.02 45.98
C ILE A 670 -39.48 2.30 45.45
N VAL A 671 -38.74 3.20 46.09
CA VAL A 671 -37.40 3.52 45.63
C VAL A 671 -36.50 2.30 45.70
N ASP A 672 -36.53 1.59 46.83
CA ASP A 672 -35.79 0.33 46.93
C ASP A 672 -36.42 -0.77 46.09
N THR A 673 -37.68 -0.59 45.67
CA THR A 673 -38.30 -1.55 44.77
C THR A 673 -37.93 -1.29 43.33
N ALA A 674 -37.83 -0.01 42.94
CA ALA A 674 -37.57 0.32 41.54
C ALA A 674 -36.10 0.12 41.18
N MET A 675 -35.19 0.37 42.12
CA MET A 675 -33.76 0.31 41.84
C MET A 675 -33.28 -1.00 41.22
N PRO A 676 -33.71 -2.18 41.67
CA PRO A 676 -33.34 -3.39 40.92
C PRO A 676 -33.85 -3.40 39.49
N ILE A 677 -35.02 -2.81 39.23
CA ILE A 677 -35.54 -2.77 37.87
C ILE A 677 -34.67 -1.89 36.98
N THR A 678 -34.32 -0.70 37.47
CA THR A 678 -33.58 0.25 36.64
C THR A 678 -32.15 -0.22 36.38
N ILE A 679 -31.62 -1.06 37.26
CA ILE A 679 -30.29 -1.64 37.02
C ILE A 679 -30.36 -2.69 35.92
N CYS A 680 -31.50 -3.39 35.83
CA CYS A 680 -31.66 -4.39 34.77
C CYS A 680 -31.62 -3.74 33.40
N ILE A 681 -32.30 -2.60 33.23
CA ILE A 681 -32.35 -1.94 31.93
C ILE A 681 -31.16 -1.02 31.68
N ALA A 682 -30.36 -0.74 32.70
CA ALA A 682 -29.09 -0.07 32.46
C ALA A 682 -28.08 -1.01 31.83
N TYR A 683 -28.20 -2.30 32.13
CA TYR A 683 -27.35 -3.32 31.49
C TYR A 683 -27.76 -3.61 30.06
N PHE A 684 -28.91 -3.10 29.62
CA PHE A 684 -29.30 -3.28 28.22
C PHE A 684 -28.26 -2.67 27.30
N ASN A 685 -27.61 -1.59 27.74
CA ASN A 685 -26.51 -1.02 26.97
C ASN A 685 -25.38 -2.02 26.79
N ALA A 686 -25.01 -2.71 27.87
CA ALA A 686 -23.90 -3.66 27.78
C ALA A 686 -24.22 -4.83 26.87
N CYS A 687 -25.48 -5.28 26.85
CA CYS A 687 -25.84 -6.43 26.04
C CYS A 687 -26.29 -6.06 24.64
N LEU A 688 -26.50 -4.78 24.35
CA LEU A 688 -26.88 -4.34 23.01
C LEU A 688 -25.83 -3.48 22.32
N ASN A 689 -24.80 -3.04 23.03
CA ASN A 689 -23.70 -2.33 22.38
C ASN A 689 -23.05 -3.11 21.25
N PRO A 690 -22.86 -4.44 21.33
CA PRO A 690 -22.33 -5.16 20.17
C PRO A 690 -23.18 -5.01 18.91
N LEU A 691 -24.47 -4.74 19.04
CA LEU A 691 -25.31 -4.56 17.87
C LEU A 691 -25.16 -3.16 17.27
N PHE A 692 -25.37 -2.13 18.09
CA PHE A 692 -25.36 -0.76 17.58
C PHE A 692 -23.97 -0.37 17.07
N TYR A 693 -22.94 -0.64 17.84
CA TYR A 693 -21.58 -0.26 17.49
C TYR A 693 -20.84 -1.35 16.72
N GLY A 694 -21.48 -2.50 16.52
CA GLY A 694 -20.87 -3.60 15.80
C GLY A 694 -21.53 -3.93 14.48
N PHE A 695 -22.38 -4.96 14.49
CA PHE A 695 -22.98 -5.61 13.33
C PHE A 695 -24.03 -4.77 12.62
N LEU A 696 -24.26 -3.50 12.90
CA LEU A 696 -25.12 -2.71 12.03
C LEU A 696 -24.40 -2.23 10.78
N GLY A 697 -23.08 -2.43 10.70
CA GLY A 697 -22.31 -2.08 9.53
C GLY A 697 -22.03 -3.28 8.66
N LYS A 698 -21.55 -3.01 7.44
CA LYS A 698 -21.35 -4.08 6.48
C LYS A 698 -20.11 -4.91 6.80
N LYS A 699 -19.08 -4.30 7.41
CA LYS A 699 -17.83 -5.00 7.62
C LYS A 699 -17.99 -6.17 8.58
N PHE A 700 -18.58 -5.93 9.75
CA PHE A 700 -18.72 -7.02 10.72
C PHE A 700 -19.70 -8.08 10.24
N LYS A 701 -20.67 -7.71 9.40
CA LYS A 701 -21.61 -8.71 8.88
C LYS A 701 -20.88 -9.75 8.04
N ARG A 702 -19.92 -9.32 7.21
CA ARG A 702 -19.18 -10.27 6.39
C ARG A 702 -18.14 -11.02 7.22
N TYR A 703 -17.57 -10.39 8.26
CA TYR A 703 -16.65 -11.11 9.13
C TYR A 703 -17.35 -12.24 9.87
N PHE A 704 -18.58 -12.00 10.33
CA PHE A 704 -19.33 -13.04 11.03
C PHE A 704 -19.68 -14.19 10.10
N LEU A 705 -19.96 -13.87 8.83
CA LEU A 705 -20.26 -14.94 7.84
C LEU A 705 -19.01 -15.79 7.63
N GLN A 706 -17.82 -15.18 7.64
CA GLN A 706 -16.56 -15.96 7.52
C GLN A 706 -16.45 -16.89 8.73
N LEU A 707 -16.76 -16.39 9.93
CA LEU A 707 -16.73 -17.23 11.14
C LEU A 707 -17.76 -18.36 11.00
N LEU A 708 -18.94 -18.04 10.46
CA LEU A 708 -19.98 -19.05 10.29
C LEU A 708 -19.51 -20.18 9.39
N LYS A 709 -18.75 -19.85 8.34
CA LYS A 709 -18.25 -20.88 7.44
C LYS A 709 -17.30 -21.83 8.14
N TYR A 710 -16.42 -21.27 8.99
CA TYR A 710 -15.42 -22.09 9.72
C TYR A 710 -16.12 -22.85 10.87
N ILE A 711 -17.40 -22.55 11.09
CA ILE A 711 -18.17 -23.22 12.19
C ILE A 711 -17.32 -23.23 13.46
N SAR B 1 -29.44 3.54 60.17
CA SAR B 1 -29.77 4.55 59.18
C SAR B 1 -30.16 3.93 57.85
O SAR B 1 -30.52 2.73 57.83
CN SAR B 1 -29.07 4.12 61.46
N ARG B 2 -30.08 4.70 56.76
CA ARG B 2 -30.45 4.20 55.41
C ARG B 2 -29.40 3.17 54.97
N VAL B 3 -29.84 1.93 54.66
CA VAL B 3 -28.92 0.89 54.24
C VAL B 3 -29.17 0.64 52.75
N TYR B 4 -28.27 1.15 51.91
CA TYR B 4 -28.42 1.07 50.46
C TYR B 4 -27.76 -0.20 49.97
N ILE B 5 -28.58 -1.22 49.66
CA ILE B 5 -28.06 -2.56 49.40
C ILE B 5 -27.94 -2.89 47.92
N HIS B 6 -28.20 -1.93 47.04
CA HIS B 6 -28.30 -2.26 45.62
C HIS B 6 -26.92 -2.31 44.96
N PRO B 7 -26.79 -3.05 43.85
CA PRO B 7 -25.46 -3.23 43.23
C PRO B 7 -24.78 -1.94 42.83
N PHE B 8 -25.51 -0.98 42.31
CA PHE B 8 -24.90 0.25 41.80
C PHE B 8 -25.59 1.48 42.36
N LEU C 21 29.63 -2.88 28.41
CA LEU C 21 29.46 -1.72 27.55
C LEU C 21 30.78 -1.01 27.31
N SER C 22 31.44 -1.36 26.21
CA SER C 22 32.72 -0.76 25.87
C SER C 22 32.52 0.70 25.45
N GLU C 23 33.64 1.38 25.19
CA GLU C 23 33.58 2.76 24.74
C GLU C 23 32.91 2.88 23.38
N GLU C 24 33.21 1.96 22.46
CA GLU C 24 32.67 2.04 21.11
C GLU C 24 31.16 1.87 21.10
N ALA C 25 30.61 1.02 21.98
CA ALA C 25 29.17 0.81 22.01
C ALA C 25 28.41 2.07 22.39
N LYS C 26 29.07 3.01 23.06
CA LYS C 26 28.42 4.27 23.41
C LYS C 26 28.12 5.09 22.15
N GLU C 27 29.13 5.27 21.30
CA GLU C 27 28.94 6.08 20.11
C GLU C 27 27.97 5.42 19.14
N ALA C 28 27.98 4.09 19.08
CA ALA C 28 27.04 3.38 18.23
C ALA C 28 25.60 3.66 18.64
N ARG C 29 25.32 3.69 19.94
CA ARG C 29 23.98 4.02 20.39
C ARG C 29 23.68 5.50 20.24
N ARG C 30 24.69 6.35 20.30
CA ARG C 30 24.47 7.77 20.05
C ARG C 30 24.08 8.01 18.59
N ILE C 31 24.75 7.32 17.67
CA ILE C 31 24.38 7.42 16.26
C ILE C 31 23.01 6.81 16.02
N ASN C 32 22.75 5.66 16.63
CA ASN C 32 21.46 5.00 16.47
C ASN C 32 20.32 5.86 16.98
N ASP C 33 20.51 6.52 18.12
CA ASP C 33 19.43 7.31 18.70
C ASP C 33 19.15 8.56 17.87
N GLU C 34 20.18 9.14 17.25
CA GLU C 34 19.96 10.27 16.37
C GLU C 34 19.14 9.88 15.15
N ILE C 35 19.39 8.68 14.61
CA ILE C 35 18.65 8.21 13.45
C ILE C 35 17.19 7.94 13.82
N GLU C 36 16.97 7.29 14.96
CA GLU C 36 15.60 6.96 15.36
C GLU C 36 14.77 8.20 15.60
N ARG C 37 15.42 9.29 16.03
CA ARG C 37 14.69 10.57 16.21
C ARG C 37 14.33 11.13 14.83
N GLN C 38 15.26 11.07 13.88
CA GLN C 38 15.01 11.58 12.50
C GLN C 38 13.89 10.77 11.84
N LEU C 39 13.91 9.44 12.01
CA LEU C 39 12.88 8.57 11.40
C LEU C 39 11.51 8.91 12.00
N ARG C 40 11.48 9.26 13.29
CA ARG C 40 10.22 9.66 13.92
C ARG C 40 9.69 10.96 13.34
N ARG C 41 10.59 11.90 13.04
CA ARG C 41 10.16 13.16 12.44
C ARG C 41 9.62 12.95 11.04
N ASP C 42 10.25 12.05 10.27
CA ASP C 42 9.78 11.79 8.92
C ASP C 42 8.47 11.02 8.93
N LYS C 43 8.31 10.10 9.89
CA LYS C 43 7.04 9.40 10.03
C LYS C 43 5.92 10.37 10.40
N ARG C 44 6.21 11.35 11.25
CA ARG C 44 5.23 12.37 11.58
C ARG C 44 4.84 13.21 10.36
N ASP C 45 5.83 13.60 9.56
CA ASP C 45 5.59 14.49 8.43
C ASP C 45 5.02 13.76 7.23
N ALA C 46 5.08 12.43 7.20
CA ALA C 46 4.50 11.67 6.11
C ALA C 46 2.99 11.50 6.23
N ARG C 47 2.41 11.81 7.39
CA ARG C 47 0.97 11.75 7.55
C ARG C 47 0.25 12.83 6.76
N ARG C 48 0.96 13.83 6.27
CA ARG C 48 0.37 14.94 5.54
C ARG C 48 0.31 14.68 4.04
N GLU C 49 0.86 13.56 3.58
CA GLU C 49 0.96 13.26 2.15
C GLU C 49 -0.16 12.35 1.71
N LEU C 50 -0.65 12.57 0.49
CA LEU C 50 -1.60 11.69 -0.18
C LEU C 50 -1.11 11.41 -1.59
N LYS C 51 -1.14 10.14 -1.98
CA LYS C 51 -0.68 9.73 -3.31
C LYS C 51 -1.88 9.55 -4.23
N LEU C 52 -1.88 10.26 -5.35
CA LEU C 52 -2.86 10.09 -6.40
C LEU C 52 -2.16 9.56 -7.64
N LEU C 53 -2.68 8.48 -8.20
CA LEU C 53 -2.09 7.86 -9.39
C LEU C 53 -2.76 8.46 -10.62
N LEU C 54 -1.98 9.21 -11.41
CA LEU C 54 -2.50 9.86 -12.61
C LEU C 54 -2.22 8.96 -13.81
N LEU C 55 -3.26 8.66 -14.59
CA LEU C 55 -3.19 7.74 -15.72
C LEU C 55 -3.84 8.39 -16.93
N GLY C 56 -3.03 9.10 -17.72
CA GLY C 56 -3.54 9.68 -18.94
C GLY C 56 -3.64 8.66 -20.06
N THR C 57 -4.50 8.98 -21.04
CA THR C 57 -4.70 8.14 -22.25
C THR C 57 -3.50 8.32 -23.19
N GLY C 58 -3.08 9.57 -23.37
CA GLY C 58 -1.95 9.89 -24.27
C GLY C 58 -2.30 11.05 -25.19
N GLU C 59 -3.39 10.91 -25.95
CA GLU C 59 -3.87 12.01 -26.82
C GLU C 59 -4.47 13.12 -25.94
N SER C 60 -5.02 12.75 -24.79
CA SER C 60 -5.63 13.73 -23.84
C SER C 60 -4.66 14.88 -23.56
N GLY C 61 -5.18 16.06 -23.21
CA GLY C 61 -4.31 17.20 -22.88
C GLY C 61 -3.70 17.03 -21.50
N LYS C 62 -2.97 15.94 -21.26
CA LYS C 62 -2.43 15.67 -19.90
C LYS C 62 -1.44 16.77 -19.49
N SER C 63 -0.59 17.20 -20.41
CA SER C 63 0.44 18.21 -20.06
C SER C 63 -0.23 19.54 -19.68
N THR C 64 -1.02 20.12 -20.59
CA THR C 64 -1.68 21.40 -20.31
C THR C 64 -2.65 21.27 -19.14
N PHE C 65 -3.12 20.05 -18.85
CA PHE C 65 -4.01 19.85 -17.72
C PHE C 65 -3.29 20.10 -16.40
N ILE C 66 -2.08 19.56 -16.25
CA ILE C 66 -1.33 19.73 -15.00
C ILE C 66 -0.85 21.16 -14.85
N LYS C 67 -0.28 21.71 -15.93
CA LYS C 67 0.31 23.07 -15.86
C LYS C 67 -0.78 24.09 -15.50
N GLN C 68 -2.01 23.86 -15.95
CA GLN C 68 -3.13 24.78 -15.63
C GLN C 68 -3.36 24.78 -14.12
N MET C 69 -3.29 23.60 -13.48
CA MET C 69 -3.56 23.51 -12.02
C MET C 69 -2.47 24.24 -11.22
N ARG C 70 -1.21 24.21 -11.70
CA ARG C 70 -0.14 24.89 -11.00
C ARG C 70 -0.27 26.40 -11.10
N ILE C 71 -0.73 26.91 -12.24
CA ILE C 71 -0.95 28.34 -12.38
C ILE C 71 -2.07 28.81 -11.45
N ILE C 72 -3.16 28.05 -11.40
CA ILE C 72 -4.29 28.43 -10.56
C ILE C 72 -3.93 28.27 -9.08
N HIS C 73 -3.18 27.21 -8.77
CA HIS C 73 -2.69 27.01 -7.38
C HIS C 73 -1.44 27.88 -7.18
N GLY C 74 -1.61 29.20 -7.19
CA GLY C 74 -0.48 30.13 -6.94
C GLY C 74 0.69 29.93 -7.89
N SER C 75 1.91 29.87 -7.35
CA SER C 75 3.14 29.67 -8.17
C SER C 75 3.24 30.71 -9.30
N GLY C 76 3.58 30.28 -10.52
CA GLY C 76 3.71 31.20 -11.66
C GLY C 76 4.93 30.85 -12.51
N TYR C 77 5.25 31.68 -13.50
CA TYR C 77 6.46 31.45 -14.33
C TYR C 77 7.28 32.74 -14.41
N SER C 78 8.61 32.62 -14.42
CA SER C 78 9.50 33.81 -14.47
C SER C 78 10.38 33.74 -15.73
N ASP C 79 11.04 34.84 -16.11
CA ASP C 79 11.80 34.86 -17.39
C ASP C 79 12.89 33.79 -17.38
N GLU C 80 13.58 33.61 -16.25
CA GLU C 80 14.62 32.55 -16.14
C GLU C 80 13.98 31.19 -16.44
N ASP C 81 12.91 30.86 -15.72
CA ASP C 81 12.23 29.58 -15.91
C ASP C 81 11.70 29.42 -17.34
N LYS C 82 11.23 30.54 -17.90
CA LYS C 82 10.65 30.56 -19.24
C LYS C 82 11.69 30.20 -20.31
N ARG C 83 12.83 30.89 -20.28
CA ARG C 83 13.90 30.68 -21.30
C ARG C 83 14.24 29.19 -21.46
N GLY C 84 14.00 28.36 -20.43
CA GLY C 84 14.22 26.91 -20.57
C GLY C 84 13.31 26.32 -21.63
N PHE C 85 12.06 26.77 -21.69
CA PHE C 85 11.07 26.24 -22.66
C PHE C 85 11.34 26.72 -24.09
N THR C 86 12.19 27.73 -24.29
CA THR C 86 12.37 28.29 -25.66
C THR C 86 12.86 27.20 -26.62
N LYS C 87 13.80 26.36 -26.17
CA LYS C 87 14.34 25.29 -27.05
C LYS C 87 13.20 24.34 -27.41
N LEU C 88 12.36 24.01 -26.44
CA LEU C 88 11.23 23.06 -26.68
C LEU C 88 10.24 23.67 -27.67
N VAL C 89 10.06 25.00 -27.64
CA VAL C 89 9.09 25.63 -28.52
C VAL C 89 9.47 25.29 -29.95
N TYR C 90 10.71 25.65 -30.35
CA TYR C 90 11.18 25.42 -31.73
C TYR C 90 11.05 23.93 -32.07
N GLN C 91 11.50 23.07 -31.15
CA GLN C 91 11.47 21.60 -31.39
C GLN C 91 10.04 21.19 -31.71
N ASN C 92 9.06 21.73 -30.97
CA ASN C 92 7.64 21.34 -31.17
C ASN C 92 7.21 21.70 -32.59
N ILE C 93 7.63 22.86 -33.10
CA ILE C 93 7.21 23.32 -34.46
C ILE C 93 7.73 22.32 -35.51
N PHE C 94 8.96 21.82 -35.35
CA PHE C 94 9.51 20.81 -36.30
C PHE C 94 8.66 19.54 -36.23
N THR C 95 8.50 18.96 -35.04
CA THR C 95 7.74 17.73 -34.84
C THR C 95 6.36 17.91 -35.45
N ALA C 96 5.69 19.00 -35.09
CA ALA C 96 4.40 19.34 -35.65
C ALA C 96 4.44 19.23 -37.16
N MET C 97 5.38 19.94 -37.80
CA MET C 97 5.46 19.94 -39.29
C MET C 97 5.95 18.59 -39.81
N GLN C 98 6.88 17.94 -39.11
CA GLN C 98 7.45 16.65 -39.59
C GLN C 98 6.35 15.58 -39.66
N ALA C 99 5.47 15.54 -38.66
CA ALA C 99 4.36 14.56 -38.67
C ALA C 99 3.47 14.81 -39.88
N MET C 100 3.33 16.08 -40.28
CA MET C 100 2.52 16.42 -41.49
C MET C 100 3.19 15.81 -42.72
N ILE C 101 4.53 15.87 -42.80
CA ILE C 101 5.27 15.32 -43.97
C ILE C 101 5.09 13.80 -44.03
N ARG C 102 5.20 13.12 -42.88
CA ARG C 102 5.08 11.64 -42.86
C ARG C 102 3.70 11.23 -43.36
N ALA C 103 2.66 11.97 -42.96
CA ALA C 103 1.27 11.66 -43.39
C ALA C 103 1.14 11.81 -44.92
N MET C 104 1.77 12.84 -45.49
CA MET C 104 1.73 13.02 -46.98
C MET C 104 2.07 11.68 -47.64
N ASP C 105 3.12 11.00 -47.16
CA ASP C 105 3.56 9.71 -47.76
C ASP C 105 2.47 8.64 -47.58
N THR C 106 1.81 8.62 -46.41
CA THR C 106 0.81 7.55 -46.12
C THR C 106 -0.52 7.82 -46.82
N LEU C 107 -1.18 8.95 -46.53
CA LEU C 107 -2.50 9.23 -47.09
C LEU C 107 -2.42 9.46 -48.61
N LYS C 108 -1.21 9.30 -49.15
CA LYS C 108 -0.93 9.41 -50.59
C LYS C 108 -1.25 10.77 -51.19
N ILE C 109 -1.34 11.79 -50.32
CA ILE C 109 -1.54 13.18 -50.75
C ILE C 109 -0.22 13.81 -51.19
N PRO C 110 -0.14 14.24 -52.46
CA PRO C 110 1.05 14.91 -52.94
C PRO C 110 1.00 16.41 -52.66
N TYR C 111 2.09 17.09 -52.97
CA TYR C 111 2.20 18.52 -52.73
C TYR C 111 1.65 19.30 -53.92
N LYS C 112 1.12 20.49 -53.65
CA LYS C 112 0.62 21.35 -54.71
C LYS C 112 1.80 22.06 -55.41
N TYR C 113 2.82 22.40 -54.63
CA TYR C 113 4.02 23.06 -55.14
C TYR C 113 5.22 22.13 -55.15
N GLU C 114 5.97 22.11 -56.27
CA GLU C 114 7.14 21.20 -56.41
C GLU C 114 8.25 21.61 -55.44
N HIS C 115 8.32 22.89 -55.07
CA HIS C 115 9.42 23.38 -54.19
C HIS C 115 9.35 22.66 -52.83
N ASN C 116 8.15 22.32 -52.38
CA ASN C 116 7.97 21.70 -51.03
C ASN C 116 8.68 20.35 -50.94
N LYS C 117 8.67 19.55 -52.00
CA LYS C 117 9.35 18.22 -51.99
C LYS C 117 10.76 18.35 -51.41
N ALA C 118 11.57 19.26 -51.93
CA ALA C 118 12.93 19.47 -51.43
C ALA C 118 12.87 19.92 -49.97
N HIS C 119 11.99 20.88 -49.66
CA HIS C 119 11.86 21.39 -48.27
C HIS C 119 11.54 20.25 -47.31
N ALA C 120 10.72 19.28 -47.75
CA ALA C 120 10.29 18.16 -46.86
C ALA C 120 11.51 17.32 -46.47
N GLN C 121 12.42 17.09 -47.41
CA GLN C 121 13.64 16.28 -47.12
C GLN C 121 14.44 16.98 -46.01
N LEU C 122 14.53 18.31 -46.08
CA LEU C 122 15.31 19.07 -45.07
C LEU C 122 14.68 18.88 -43.69
N VAL C 123 13.35 18.91 -43.60
CA VAL C 123 12.63 18.76 -42.31
C VAL C 123 12.90 17.36 -41.75
N ARG C 124 12.91 16.33 -42.61
CA ARG C 124 13.22 14.95 -42.16
C ARG C 124 14.66 14.91 -41.62
N GLU C 125 15.58 15.61 -42.27
CA GLU C 125 17.01 15.62 -41.85
C GLU C 125 17.16 16.21 -40.44
N VAL C 126 16.39 17.27 -40.11
CA VAL C 126 16.56 17.95 -38.80
C VAL C 126 16.49 16.92 -37.66
N ASP C 127 17.36 17.07 -36.65
CA ASP C 127 17.30 16.17 -35.47
C ASP C 127 16.71 16.99 -34.32
N VAL C 128 15.65 16.49 -33.69
CA VAL C 128 14.96 17.30 -32.64
C VAL C 128 15.94 17.60 -31.49
N GLU C 129 16.70 16.60 -31.05
CA GLU C 129 17.63 16.78 -29.91
C GLU C 129 18.71 17.80 -30.27
N LYS C 130 19.27 17.68 -31.48
CA LYS C 130 20.36 18.58 -31.92
C LYS C 130 19.85 20.02 -31.99
N VAL C 131 18.54 20.20 -32.17
CA VAL C 131 18.03 21.60 -32.32
C VAL C 131 18.37 22.31 -31.01
N SER C 132 19.00 23.48 -31.10
CA SER C 132 19.35 24.27 -29.91
C SER C 132 18.95 25.72 -30.19
N ALA C 133 18.91 26.08 -31.48
CA ALA C 133 18.44 27.44 -31.84
C ALA C 133 17.65 27.38 -33.15
N PHE C 134 16.82 28.40 -33.41
CA PHE C 134 16.00 28.44 -34.66
C PHE C 134 16.72 29.30 -35.71
N GLU C 135 17.22 28.67 -36.78
CA GLU C 135 17.94 29.40 -37.84
C GLU C 135 17.12 29.61 -39.10
N ASN C 136 17.47 30.67 -39.83
CA ASN C 136 16.77 31.07 -41.07
C ASN C 136 16.40 29.99 -42.10
N PRO C 137 17.34 29.07 -42.42
CA PRO C 137 16.99 28.03 -43.38
C PRO C 137 15.86 27.11 -42.90
N TYR C 138 15.63 27.08 -41.59
CA TYR C 138 14.59 26.26 -41.02
C TYR C 138 13.26 27.00 -40.85
N VAL C 139 13.32 28.32 -40.69
CA VAL C 139 12.12 29.15 -40.64
C VAL C 139 11.33 28.97 -41.92
N ASP C 140 11.95 29.34 -43.04
CA ASP C 140 11.35 29.21 -44.37
C ASP C 140 10.86 27.79 -44.59
N ALA C 141 11.76 26.82 -44.47
CA ALA C 141 11.40 25.43 -44.65
C ALA C 141 10.04 25.15 -44.03
N ILE C 142 9.86 25.59 -42.78
CA ILE C 142 8.63 25.34 -42.04
C ILE C 142 7.49 26.29 -42.43
N LYS C 143 7.80 27.58 -42.59
CA LYS C 143 6.80 28.54 -43.06
C LYS C 143 6.26 28.15 -44.43
N SER C 144 7.18 27.88 -45.38
CA SER C 144 6.77 27.52 -46.77
C SER C 144 5.85 26.30 -46.77
N LEU C 145 6.20 25.26 -46.00
CA LEU C 145 5.38 24.02 -45.95
C LEU C 145 4.00 24.34 -45.38
N TRP C 146 3.92 25.19 -44.36
CA TRP C 146 2.61 25.58 -43.78
C TRP C 146 1.78 26.30 -44.85
N ASN C 147 2.43 27.13 -45.67
CA ASN C 147 1.72 27.83 -46.79
C ASN C 147 1.18 26.82 -47.79
N ASP C 148 1.93 25.73 -48.05
CA ASP C 148 1.51 24.75 -49.10
C ASP C 148 0.11 24.22 -48.77
N PRO C 149 -0.83 24.19 -49.74
CA PRO C 149 -2.18 23.68 -49.51
C PRO C 149 -2.21 22.19 -49.12
N GLY C 150 -1.37 21.38 -49.77
CA GLY C 150 -1.30 19.95 -49.45
C GLY C 150 -1.10 19.73 -47.96
N ILE C 151 -0.14 20.45 -47.37
CA ILE C 151 0.14 20.33 -45.90
C ILE C 151 -1.09 20.78 -45.12
N GLN C 152 -1.75 21.87 -45.55
CA GLN C 152 -2.95 22.37 -44.85
C GLN C 152 -4.06 21.31 -44.91
N GLU C 153 -4.25 20.67 -46.07
CA GLU C 153 -5.27 19.59 -46.20
C GLU C 153 -4.89 18.43 -45.29
N CYS C 154 -3.60 18.10 -45.23
CA CYS C 154 -3.12 17.01 -44.33
C CYS C 154 -3.40 17.41 -42.87
N TYR C 155 -3.20 18.69 -42.54
CA TYR C 155 -3.49 19.18 -41.17
C TYR C 155 -4.99 19.02 -40.88
N ASP C 156 -5.83 19.30 -41.89
CA ASP C 156 -7.31 19.22 -41.73
C ASP C 156 -7.71 17.77 -41.41
N ARG C 157 -6.93 16.81 -41.89
CA ARG C 157 -7.21 15.37 -41.65
C ARG C 157 -6.44 14.91 -40.41
N ARG C 158 -6.45 15.72 -39.35
CA ARG C 158 -5.60 15.50 -38.17
C ARG C 158 -6.13 14.32 -37.35
N ARG C 159 -7.37 13.87 -37.62
CA ARG C 159 -7.89 12.73 -36.84
C ARG C 159 -7.21 11.41 -37.22
N GLU C 160 -6.92 11.20 -38.51
CA GLU C 160 -6.35 9.91 -38.97
C GLU C 160 -4.96 9.64 -38.35
N TYR C 161 -4.10 10.65 -38.26
CA TYR C 161 -2.72 10.40 -37.77
C TYR C 161 -2.43 11.22 -36.50
N GLN C 162 -1.61 10.67 -35.59
CA GLN C 162 -1.29 11.38 -34.33
C GLN C 162 -0.53 12.68 -34.63
N LEU C 163 -1.14 13.82 -34.30
CA LEU C 163 -0.52 15.15 -34.55
C LEU C 163 -0.84 16.05 -33.36
N SER C 164 0.01 17.03 -33.06
CA SER C 164 -0.29 17.99 -31.96
C SER C 164 -1.53 18.81 -32.32
N ASP C 165 -2.35 19.14 -31.31
CA ASP C 165 -3.55 19.98 -31.56
C ASP C 165 -3.16 21.46 -31.48
N SER C 166 -1.93 21.75 -31.07
CA SER C 166 -1.50 23.17 -30.90
C SER C 166 -0.64 23.64 -32.08
N THR C 167 -0.56 22.87 -33.16
CA THR C 167 0.35 23.27 -34.27
C THR C 167 -0.08 24.63 -34.84
N LYS C 168 -1.39 24.83 -35.05
CA LYS C 168 -1.90 26.12 -35.60
C LYS C 168 -1.44 27.24 -34.68
N TYR C 169 -1.59 27.06 -33.37
CA TYR C 169 -1.21 28.06 -32.39
C TYR C 169 0.20 28.60 -32.68
N TYR C 170 1.20 27.70 -32.68
CA TYR C 170 2.61 28.13 -32.86
C TYR C 170 2.90 28.52 -34.31
N LEU C 171 2.35 27.80 -35.29
CA LEU C 171 2.68 28.09 -36.70
C LEU C 171 2.18 29.49 -37.07
N ASN C 172 1.08 29.94 -36.45
CA ASN C 172 0.59 31.33 -36.70
C ASN C 172 1.45 32.31 -35.88
N ASP C 173 2.18 31.79 -34.88
CA ASP C 173 3.06 32.65 -34.03
C ASP C 173 4.51 32.42 -34.46
N LEU C 174 4.73 31.89 -35.66
CA LEU C 174 6.10 31.55 -36.12
C LEU C 174 6.99 32.80 -36.12
N ASP C 175 6.44 33.96 -36.45
CA ASP C 175 7.29 35.18 -36.59
C ASP C 175 8.03 35.48 -35.27
N ARG C 176 7.34 35.36 -34.13
CA ARG C 176 8.00 35.72 -32.84
C ARG C 176 8.92 34.57 -32.41
N VAL C 177 8.52 33.32 -32.66
CA VAL C 177 9.37 32.13 -32.34
C VAL C 177 10.66 32.24 -33.16
N ALA C 178 10.55 32.65 -34.42
CA ALA C 178 11.73 32.79 -35.30
C ALA C 178 12.70 33.85 -34.76
N ASP C 179 12.17 34.94 -34.19
CA ASP C 179 13.03 36.05 -33.72
C ASP C 179 14.00 35.52 -32.65
N PRO C 180 15.29 35.92 -32.67
CA PRO C 180 16.27 35.43 -31.70
C PRO C 180 15.88 35.86 -30.28
N ALA C 181 15.40 37.09 -30.11
CA ALA C 181 14.94 37.56 -28.78
C ALA C 181 13.49 37.10 -28.58
N TYR C 182 13.30 35.83 -28.21
CA TYR C 182 11.93 35.28 -28.05
C TYR C 182 11.74 34.76 -26.63
N LEU C 183 10.64 35.16 -25.97
CA LEU C 183 10.33 34.64 -24.61
C LEU C 183 8.99 33.91 -24.69
N PRO C 184 8.83 32.60 -24.35
CA PRO C 184 7.52 31.97 -24.50
C PRO C 184 6.47 32.62 -23.60
N THR C 185 5.28 32.92 -24.14
CA THR C 185 4.21 33.48 -23.27
C THR C 185 3.72 32.34 -22.36
N GLN C 186 2.98 32.68 -21.32
CA GLN C 186 2.46 31.62 -20.39
C GLN C 186 1.69 30.59 -21.22
N GLN C 187 0.98 31.07 -22.25
CA GLN C 187 0.19 30.15 -23.12
C GLN C 187 1.10 29.17 -23.87
N ASP C 188 2.23 29.66 -24.41
CA ASP C 188 3.20 28.75 -25.08
C ASP C 188 3.67 27.72 -24.05
N VAL C 189 4.05 28.17 -22.86
CA VAL C 189 4.53 27.29 -21.82
C VAL C 189 3.51 26.19 -21.61
N LEU C 190 2.26 26.57 -21.33
CA LEU C 190 1.20 25.56 -21.04
C LEU C 190 1.20 24.50 -22.13
N ARG C 191 1.27 24.88 -23.40
CA ARG C 191 1.15 23.89 -24.52
C ARG C 191 2.42 23.06 -24.71
N VAL C 192 3.62 23.57 -24.42
CA VAL C 192 4.86 22.79 -24.72
C VAL C 192 4.90 21.52 -23.85
N GLN C 193 5.44 20.42 -24.39
CA GLN C 193 5.47 19.14 -23.65
C GLN C 193 6.93 18.69 -23.47
N VAL C 194 7.30 18.27 -22.26
CA VAL C 194 8.70 17.78 -21.99
C VAL C 194 8.70 16.23 -22.03
N PRO C 195 9.47 15.51 -22.88
CA PRO C 195 9.42 14.05 -22.88
C PRO C 195 9.92 13.40 -21.58
N THR C 196 9.25 12.33 -21.13
CA THR C 196 9.65 11.62 -19.89
C THR C 196 9.63 10.11 -20.13
N THR C 197 10.62 9.38 -19.60
CA THR C 197 10.68 7.90 -19.75
C THR C 197 10.45 7.27 -18.37
N GLY C 198 10.38 8.09 -17.33
CA GLY C 198 10.19 7.58 -15.98
C GLY C 198 9.10 8.36 -15.27
N ILE C 199 8.85 7.96 -14.01
CA ILE C 199 7.84 8.63 -13.22
C ILE C 199 8.26 10.05 -12.88
N ILE C 200 7.32 10.98 -13.03
CA ILE C 200 7.48 12.36 -12.62
C ILE C 200 6.34 12.68 -11.65
N GLU C 201 6.66 13.39 -10.57
CA GLU C 201 5.71 13.70 -9.51
C GLU C 201 5.43 15.20 -9.48
N TYR C 202 4.18 15.56 -9.21
CA TYR C 202 3.78 16.95 -9.10
C TYR C 202 3.17 17.19 -7.72
N PRO C 203 3.86 17.88 -6.82
CA PRO C 203 3.30 18.11 -5.49
C PRO C 203 2.44 19.36 -5.42
N PHE C 204 1.21 19.22 -4.92
CA PHE C 204 0.29 20.33 -4.72
C PHE C 204 0.03 20.49 -3.23
N ASP C 205 0.39 21.64 -2.68
CA ASP C 205 0.22 21.87 -1.21
C ASP C 205 -1.04 22.69 -0.97
N LEU C 206 -2.11 22.05 -0.48
CA LEU C 206 -3.38 22.76 -0.20
C LEU C 206 -3.45 23.05 1.30
N GLN C 207 -2.30 23.11 1.98
CA GLN C 207 -2.21 23.45 3.44
C GLN C 207 -2.72 22.31 4.32
N SER C 208 -3.99 21.91 4.17
CA SER C 208 -4.54 20.79 4.97
C SER C 208 -3.82 19.49 4.62
N VAL C 209 -3.58 19.26 3.32
CA VAL C 209 -2.92 18.00 2.86
C VAL C 209 -2.09 18.34 1.63
N ILE C 210 -0.92 17.69 1.46
CA ILE C 210 -0.11 17.90 0.22
C ILE C 210 -0.32 16.70 -0.72
N PHE C 211 -0.79 16.94 -1.95
CA PHE C 211 -1.04 15.88 -2.91
C PHE C 211 0.22 15.55 -3.68
N ARG C 212 0.48 14.27 -3.87
CA ARG C 212 1.59 13.79 -4.68
C ARG C 212 1.00 13.13 -5.91
N MET C 213 0.77 13.92 -6.95
CA MET C 213 0.25 13.40 -8.21
C MET C 213 1.36 12.65 -8.94
N VAL C 214 1.20 11.33 -9.07
CA VAL C 214 2.22 10.46 -9.62
C VAL C 214 1.83 10.17 -11.07
N ASP C 215 2.54 10.77 -12.02
CA ASP C 215 2.25 10.58 -13.43
C ASP C 215 3.07 9.43 -13.97
N VAL C 216 2.40 8.34 -14.35
CA VAL C 216 3.06 7.14 -14.82
C VAL C 216 2.71 6.81 -16.27
N GLY C 217 2.30 7.82 -17.04
CA GLY C 217 1.90 7.58 -18.41
C GLY C 217 3.03 7.28 -19.37
N GLY C 218 4.28 7.53 -18.98
CA GLY C 218 5.40 7.35 -19.88
C GLY C 218 6.37 6.26 -19.48
N LEU C 219 5.88 5.20 -18.83
CA LEU C 219 6.77 4.14 -18.35
C LEU C 219 7.28 3.29 -19.51
N ARG C 220 6.40 2.89 -20.41
CA ARG C 220 6.77 2.14 -21.61
C ARG C 220 7.44 0.80 -21.27
N SER C 221 6.93 0.13 -20.24
CA SER C 221 7.41 -1.20 -19.88
C SER C 221 6.20 -2.02 -19.43
N GLU C 222 6.46 -3.28 -19.09
CA GLU C 222 5.37 -4.16 -18.65
C GLU C 222 4.73 -3.60 -17.39
N ARG C 223 3.40 -3.50 -17.40
CA ARG C 223 2.70 -2.87 -16.29
C ARG C 223 2.64 -3.78 -15.08
N ARG C 224 2.61 -5.10 -15.29
CA ARG C 224 2.48 -6.03 -14.17
C ARG C 224 3.69 -5.98 -13.23
N LYS C 225 4.84 -5.50 -13.72
CA LYS C 225 6.05 -5.49 -12.91
C LYS C 225 6.06 -4.35 -11.88
N TRP C 226 5.47 -3.21 -12.20
CA TRP C 226 5.52 -2.05 -11.32
C TRP C 226 4.16 -1.55 -10.85
N ILE C 227 3.07 -2.23 -11.21
CA ILE C 227 1.75 -1.72 -10.83
C ILE C 227 1.52 -1.87 -9.33
N HIS C 228 2.13 -2.87 -8.70
CA HIS C 228 1.91 -3.09 -7.28
C HIS C 228 2.57 -2.04 -6.39
N CYS C 229 3.39 -1.16 -6.97
CA CYS C 229 3.99 -0.09 -6.19
C CYS C 229 2.98 0.94 -5.71
N PHE C 230 1.78 0.95 -6.29
CA PHE C 230 0.73 1.89 -5.91
C PHE C 230 -0.46 1.14 -5.34
N GLU C 231 -0.21 0.17 -4.47
CA GLU C 231 -1.31 -0.68 -3.96
C GLU C 231 -2.21 0.08 -2.98
N ASN C 232 -1.67 1.06 -2.25
CA ASN C 232 -2.45 1.74 -1.19
C ASN C 232 -2.97 3.13 -1.61
N VAL C 233 -2.89 3.48 -2.90
CA VAL C 233 -3.28 4.87 -3.32
C VAL C 233 -4.70 5.21 -2.87
N THR C 234 -4.97 6.49 -2.57
CA THR C 234 -6.29 6.95 -2.20
C THR C 234 -7.23 7.02 -3.40
N SER C 235 -6.74 7.53 -4.53
CA SER C 235 -7.57 7.67 -5.71
C SER C 235 -6.72 7.48 -6.96
N ILE C 236 -7.39 7.18 -8.06
CA ILE C 236 -6.78 7.11 -9.38
C ILE C 236 -7.44 8.15 -10.25
N MET C 237 -6.63 8.99 -10.89
CA MET C 237 -7.14 10.02 -11.80
C MET C 237 -7.01 9.52 -13.23
N PHE C 238 -8.11 9.54 -13.96
CA PHE C 238 -8.14 9.16 -15.37
C PHE C 238 -8.49 10.38 -16.19
N LEU C 239 -7.60 10.75 -17.12
CA LEU C 239 -7.85 11.87 -18.02
C LEU C 239 -8.15 11.30 -19.40
N VAL C 240 -9.36 11.55 -19.89
CA VAL C 240 -9.82 11.05 -21.18
C VAL C 240 -10.34 12.24 -21.97
N ALA C 241 -10.02 12.28 -23.26
CA ALA C 241 -10.49 13.33 -24.14
C ALA C 241 -11.81 12.93 -24.78
N LEU C 242 -12.80 13.82 -24.72
CA LEU C 242 -14.11 13.54 -25.31
C LEU C 242 -14.11 13.62 -26.82
N SER C 243 -13.08 14.23 -27.42
CA SER C 243 -13.02 14.41 -28.86
C SER C 243 -12.29 13.27 -29.57
N GLU C 244 -12.31 12.07 -29.00
CA GLU C 244 -11.63 10.92 -29.58
C GLU C 244 -12.58 9.89 -30.16
N TYR C 245 -13.87 10.20 -30.27
CA TYR C 245 -14.81 9.20 -30.77
C TYR C 245 -14.70 9.01 -32.28
N ASP C 246 -14.09 9.95 -33.00
CA ASP C 246 -13.89 9.81 -34.42
C ASP C 246 -12.41 9.76 -34.82
N GLN C 247 -11.50 9.79 -33.85
CA GLN C 247 -10.07 9.79 -34.14
C GLN C 247 -9.58 8.35 -34.29
N VAL C 248 -9.87 7.78 -35.46
CA VAL C 248 -9.36 6.45 -35.79
C VAL C 248 -7.89 6.59 -36.18
N LEU C 249 -7.02 5.88 -35.46
CA LEU C 249 -5.59 5.96 -35.71
C LEU C 249 -5.16 4.88 -36.69
N VAL C 250 -4.32 5.26 -37.66
CA VAL C 250 -3.96 4.37 -38.74
C VAL C 250 -2.76 3.48 -38.43
N GLU C 251 -2.04 3.76 -37.33
CA GLU C 251 -0.89 2.93 -36.99
C GLU C 251 -1.32 1.50 -36.67
N SER C 252 -2.43 1.33 -35.97
CA SER C 252 -3.00 0.02 -35.71
C SER C 252 -3.99 -0.33 -36.82
N ASP C 253 -4.80 -1.36 -36.60
CA ASP C 253 -5.74 -1.83 -37.61
C ASP C 253 -7.00 -0.96 -37.63
N ASN C 254 -6.82 0.34 -37.76
CA ASN C 254 -7.93 1.30 -37.82
C ASN C 254 -8.87 1.13 -36.63
N GLU C 255 -8.30 1.28 -35.43
CA GLU C 255 -9.03 1.06 -34.19
C GLU C 255 -9.43 2.40 -33.57
N ASN C 256 -10.65 2.47 -33.04
CA ASN C 256 -11.14 3.73 -32.42
C ASN C 256 -10.37 4.00 -31.12
N ARG C 257 -9.91 5.24 -30.93
CA ARG C 257 -9.15 5.60 -29.71
C ARG C 257 -10.05 5.46 -28.47
N MET C 258 -11.33 5.82 -28.58
CA MET C 258 -12.27 5.68 -27.44
C MET C 258 -12.29 4.23 -26.96
N GLU C 259 -12.30 3.26 -27.87
CA GLU C 259 -12.29 1.85 -27.50
C GLU C 259 -11.00 1.48 -26.78
N GLU C 260 -9.86 2.03 -27.21
CA GLU C 260 -8.61 1.76 -26.53
C GLU C 260 -8.59 2.36 -25.13
N SER C 261 -9.09 3.58 -24.97
CA SER C 261 -9.14 4.20 -23.65
C SER C 261 -10.09 3.46 -22.73
N LYS C 262 -11.22 2.97 -23.28
CA LYS C 262 -12.12 2.16 -22.48
C LYS C 262 -11.46 0.86 -22.03
N ALA C 263 -10.67 0.25 -22.90
CA ALA C 263 -9.96 -0.96 -22.54
C ALA C 263 -8.92 -0.68 -21.44
N LEU C 264 -8.23 0.46 -21.52
CA LEU C 264 -7.31 0.83 -20.47
C LEU C 264 -8.03 1.12 -19.16
N PHE C 265 -9.18 1.80 -19.25
CA PHE C 265 -9.97 2.10 -18.06
C PHE C 265 -10.45 0.81 -17.40
N ARG C 266 -10.95 -0.13 -18.20
CA ARG C 266 -11.47 -1.38 -17.65
C ARG C 266 -10.37 -2.20 -16.99
N THR C 267 -9.19 -2.25 -17.62
CA THR C 267 -8.10 -3.07 -17.10
C THR C 267 -7.60 -2.56 -15.75
N ILE C 268 -7.47 -1.24 -15.60
CA ILE C 268 -6.93 -0.66 -14.38
C ILE C 268 -7.86 -0.90 -13.20
N ILE C 269 -9.17 -0.79 -13.44
CA ILE C 269 -10.15 -0.96 -12.37
C ILE C 269 -10.11 -2.38 -11.82
N THR C 270 -9.93 -3.37 -12.69
CA THR C 270 -10.06 -4.76 -12.30
C THR C 270 -8.84 -5.28 -11.53
N TYR C 271 -7.73 -4.54 -11.53
CA TYR C 271 -6.58 -4.94 -10.72
C TYR C 271 -6.98 -5.10 -9.25
N PRO C 272 -6.60 -6.20 -8.60
CA PRO C 272 -6.92 -6.35 -7.17
C PRO C 272 -6.24 -5.34 -6.28
N TRP C 273 -5.17 -4.69 -6.76
CA TRP C 273 -4.48 -3.71 -5.93
C TRP C 273 -5.40 -2.54 -5.57
N PHE C 274 -6.13 -2.03 -6.56
CA PHE C 274 -6.94 -0.82 -6.38
C PHE C 274 -8.35 -1.11 -5.92
N GLN C 275 -8.53 -2.21 -5.18
CA GLN C 275 -9.87 -2.59 -4.67
C GLN C 275 -10.37 -1.53 -3.68
N ASN C 276 -9.45 -0.88 -2.96
CA ASN C 276 -9.83 0.13 -1.94
C ASN C 276 -9.63 1.55 -2.48
N SER C 277 -9.31 1.68 -3.77
CA SER C 277 -9.00 3.03 -4.32
C SER C 277 -10.19 3.61 -5.09
N SER C 278 -10.48 4.91 -4.90
CA SER C 278 -11.52 5.56 -5.65
C SER C 278 -11.01 5.96 -7.03
N VAL C 279 -11.93 6.32 -7.91
CA VAL C 279 -11.61 6.71 -9.28
C VAL C 279 -12.17 8.10 -9.54
N ILE C 280 -11.30 9.01 -9.98
CA ILE C 280 -11.71 10.33 -10.45
C ILE C 280 -11.55 10.33 -11.96
N LEU C 281 -12.64 10.46 -12.68
CA LEU C 281 -12.65 10.36 -14.13
C LEU C 281 -12.84 11.76 -14.72
N PHE C 282 -11.74 12.38 -15.14
CA PHE C 282 -11.80 13.66 -15.82
C PHE C 282 -12.08 13.44 -17.30
N LEU C 283 -13.08 14.15 -17.83
CA LEU C 283 -13.38 14.13 -19.24
C LEU C 283 -12.96 15.46 -19.85
N ASN C 284 -11.95 15.43 -20.71
CA ASN C 284 -11.27 16.62 -21.19
C ASN C 284 -11.74 17.01 -22.58
N LYS C 285 -11.51 18.27 -22.92
CA LYS C 285 -11.81 18.82 -24.24
C LYS C 285 -13.31 18.79 -24.54
N LYS C 286 -14.10 19.30 -23.61
CA LYS C 286 -15.53 19.42 -23.86
C LYS C 286 -15.85 20.58 -24.80
N ASP C 287 -15.02 21.62 -24.80
CA ASP C 287 -15.22 22.72 -25.74
C ASP C 287 -14.96 22.28 -27.17
N LEU C 288 -13.97 21.41 -27.37
CA LEU C 288 -13.69 20.90 -28.71
C LEU C 288 -14.80 19.98 -29.19
N LEU C 289 -15.44 19.27 -28.27
CA LEU C 289 -16.57 18.42 -28.64
C LEU C 289 -17.72 19.24 -29.20
N GLU C 290 -18.01 20.38 -28.58
CA GLU C 290 -19.09 21.24 -29.07
C GLU C 290 -18.80 21.76 -30.47
N GLU C 291 -17.56 22.16 -30.72
CA GLU C 291 -17.20 22.70 -32.03
C GLU C 291 -17.18 21.63 -33.10
N LYS C 292 -16.90 20.38 -32.73
CA LYS C 292 -16.66 19.32 -33.70
C LYS C 292 -17.86 18.40 -33.91
N ILE C 293 -18.80 18.35 -32.96
CA ILE C 293 -19.98 17.51 -33.12
C ILE C 293 -20.99 18.10 -34.11
N MET C 294 -20.80 19.36 -34.51
CA MET C 294 -21.72 19.95 -35.49
C MET C 294 -21.64 19.23 -36.83
N TYR C 295 -20.44 18.90 -37.28
CA TYR C 295 -20.24 18.24 -38.57
C TYR C 295 -19.88 16.77 -38.42
N SER C 296 -19.98 16.21 -37.22
CA SER C 296 -19.67 14.81 -36.99
C SER C 296 -20.78 14.18 -36.17
N HIS C 297 -21.01 12.89 -36.40
CA HIS C 297 -22.08 12.15 -35.75
C HIS C 297 -21.50 11.08 -34.85
N LEU C 298 -22.20 10.83 -33.73
CA LEU C 298 -21.75 9.82 -32.78
C LEU C 298 -22.39 8.46 -33.06
N VAL C 299 -23.54 8.44 -33.71
CA VAL C 299 -24.28 7.18 -33.88
C VAL C 299 -23.53 6.24 -34.81
N ASP C 300 -22.88 6.77 -35.84
CA ASP C 300 -22.16 5.91 -36.79
C ASP C 300 -20.87 5.34 -36.23
N TYR C 301 -20.34 5.92 -35.15
CA TYR C 301 -19.20 5.32 -34.46
C TYR C 301 -19.64 4.46 -33.29
N PHE C 302 -20.72 4.83 -32.61
CA PHE C 302 -21.30 4.03 -31.53
C PHE C 302 -22.77 3.81 -31.82
N PRO C 303 -23.15 2.68 -32.44
CA PRO C 303 -24.54 2.48 -32.83
C PRO C 303 -25.53 2.47 -31.68
N GLU C 304 -25.09 2.17 -30.46
CA GLU C 304 -26.00 2.16 -29.32
C GLU C 304 -26.47 3.56 -28.93
N TYR C 305 -25.85 4.60 -29.46
CA TYR C 305 -26.29 5.96 -29.17
C TYR C 305 -27.62 6.26 -29.85
N ASP C 306 -28.52 6.89 -29.11
CA ASP C 306 -29.82 7.33 -29.63
C ASP C 306 -30.12 8.73 -29.08
N GLY C 307 -29.70 9.75 -29.83
CA GLY C 307 -29.85 11.12 -29.40
C GLY C 307 -30.30 12.03 -30.52
N PRO C 308 -30.38 13.32 -30.23
CA PRO C 308 -30.82 14.29 -31.25
C PRO C 308 -29.90 14.37 -32.46
N GLN C 309 -28.67 13.85 -32.37
CA GLN C 309 -27.63 13.87 -33.39
C GLN C 309 -27.09 15.27 -33.64
N ARG C 310 -27.50 16.27 -32.85
CA ARG C 310 -26.94 17.61 -32.93
C ARG C 310 -26.70 18.24 -31.57
N ASP C 311 -26.94 17.51 -30.48
CA ASP C 311 -26.78 18.04 -29.13
C ASP C 311 -25.43 17.65 -28.56
N ALA C 312 -24.69 18.63 -28.05
CA ALA C 312 -23.40 18.38 -27.44
C ALA C 312 -23.50 17.90 -26.00
N GLN C 313 -24.67 18.02 -25.38
CA GLN C 313 -24.85 17.55 -24.01
C GLN C 313 -25.37 16.13 -23.95
N ALA C 314 -26.12 15.69 -24.96
CA ALA C 314 -26.55 14.30 -25.02
C ALA C 314 -25.37 13.37 -25.24
N ALA C 315 -24.40 13.80 -26.07
CA ALA C 315 -23.21 12.99 -26.31
C ALA C 315 -22.34 12.91 -25.05
N ARG C 316 -22.21 14.02 -24.33
CA ARG C 316 -21.40 14.02 -23.11
C ARG C 316 -21.91 13.01 -22.11
N GLU C 317 -23.21 13.01 -21.85
CA GLU C 317 -23.78 12.09 -20.87
C GLU C 317 -23.69 10.66 -21.36
N PHE C 318 -23.87 10.43 -22.67
CA PHE C 318 -23.74 9.08 -23.20
C PHE C 318 -22.32 8.55 -23.07
N ILE C 319 -21.33 9.38 -23.40
CA ILE C 319 -19.93 8.94 -23.32
C ILE C 319 -19.57 8.64 -21.87
N LEU C 320 -20.04 9.46 -20.94
CA LEU C 320 -19.78 9.22 -19.53
C LEU C 320 -20.39 7.90 -19.07
N LYS C 321 -21.60 7.58 -19.56
CA LYS C 321 -22.26 6.37 -19.11
C LYS C 321 -21.52 5.12 -19.59
N MET C 322 -20.89 5.19 -20.76
CA MET C 322 -20.13 4.04 -21.25
C MET C 322 -18.97 3.72 -20.32
N PHE C 323 -18.27 4.75 -19.84
CA PHE C 323 -17.13 4.53 -18.96
C PHE C 323 -17.58 4.02 -17.60
N VAL C 324 -18.62 4.61 -17.03
CA VAL C 324 -19.08 4.20 -15.71
C VAL C 324 -19.64 2.79 -15.74
N ASP C 325 -20.28 2.41 -16.85
CA ASP C 325 -20.81 1.05 -16.98
C ASP C 325 -19.73 -0.02 -16.94
N LEU C 326 -18.48 0.33 -17.22
CA LEU C 326 -17.38 -0.63 -17.19
C LEU C 326 -17.03 -1.08 -15.78
N ASN C 327 -17.50 -0.37 -14.75
CA ASN C 327 -17.17 -0.71 -13.37
C ASN C 327 -18.09 -1.81 -12.87
N PRO C 328 -17.58 -3.01 -12.54
CA PRO C 328 -18.46 -4.09 -12.09
C PRO C 328 -18.64 -4.14 -10.59
N ASP C 329 -17.76 -3.47 -9.84
CA ASP C 329 -17.70 -3.66 -8.39
C ASP C 329 -18.98 -3.17 -7.72
N SER C 330 -19.52 -2.05 -8.18
CA SER C 330 -20.72 -1.39 -7.64
C SER C 330 -20.47 -0.79 -6.25
N ASP C 331 -19.29 -1.00 -5.67
CA ASP C 331 -18.92 -0.35 -4.42
C ASP C 331 -17.81 0.67 -4.60
N LYS C 332 -17.08 0.63 -5.70
CA LYS C 332 -16.07 1.62 -6.02
C LYS C 332 -16.74 2.86 -6.60
N ILE C 333 -16.56 4.00 -5.95
CA ILE C 333 -17.22 5.23 -6.36
C ILE C 333 -16.39 5.89 -7.45
N ILE C 334 -17.04 6.33 -8.52
CA ILE C 334 -16.38 7.02 -9.62
C ILE C 334 -16.87 8.46 -9.65
N TYR C 335 -15.96 9.40 -9.48
CA TYR C 335 -16.28 10.82 -9.54
C TYR C 335 -15.94 11.34 -10.93
N SER C 336 -16.88 12.08 -11.53
CA SER C 336 -16.67 12.53 -12.94
C SER C 336 -16.71 14.06 -13.05
N HIS C 337 -15.87 14.64 -13.91
CA HIS C 337 -15.85 16.11 -14.10
C HIS C 337 -15.65 16.40 -15.59
N PHE C 338 -16.14 17.55 -16.07
CA PHE C 338 -15.92 17.95 -17.49
C PHE C 338 -14.93 19.11 -17.53
N THR C 339 -13.82 18.94 -18.25
CA THR C 339 -12.79 19.96 -18.31
C THR C 339 -12.69 20.48 -19.74
N CYS C 340 -12.50 21.79 -19.89
CA CYS C 340 -12.43 22.43 -21.19
C CYS C 340 -11.07 23.05 -21.47
N ALA C 341 -10.00 22.45 -20.92
CA ALA C 341 -8.62 22.87 -21.15
C ALA C 341 -8.34 24.27 -20.62
N THR C 342 -9.33 24.89 -19.98
CA THR C 342 -9.13 26.17 -19.33
C THR C 342 -9.88 26.27 -18.01
N ASP C 343 -10.43 25.16 -17.51
CA ASP C 343 -11.17 25.18 -16.27
C ASP C 343 -10.23 25.47 -15.10
N THR C 344 -10.67 26.32 -14.19
CA THR C 344 -9.89 26.72 -13.02
C THR C 344 -10.31 25.99 -11.76
N GLU C 345 -11.26 25.05 -11.88
CA GLU C 345 -11.79 24.33 -10.72
C GLU C 345 -11.31 22.88 -10.65
N ASN C 346 -10.31 22.51 -11.45
CA ASN C 346 -9.84 21.14 -11.44
C ASN C 346 -9.24 20.76 -10.09
N ILE C 347 -8.42 21.64 -9.52
CA ILE C 347 -7.77 21.35 -8.24
C ILE C 347 -8.81 21.30 -7.12
N ARG C 348 -9.84 22.14 -7.21
CA ARG C 348 -10.88 22.14 -6.18
C ARG C 348 -11.76 20.91 -6.27
N PHE C 349 -11.96 20.38 -7.48
CA PHE C 349 -12.73 19.14 -7.62
C PHE C 349 -11.96 17.95 -7.07
N VAL C 350 -10.64 17.92 -7.27
CA VAL C 350 -9.84 16.82 -6.74
C VAL C 350 -9.87 16.83 -5.23
N PHE C 351 -9.83 18.03 -4.62
CA PHE C 351 -9.91 18.12 -3.17
C PHE C 351 -11.25 17.63 -2.66
N ALA C 352 -12.34 17.98 -3.35
CA ALA C 352 -13.67 17.54 -2.92
C ALA C 352 -13.83 16.03 -3.06
N ALA C 353 -13.31 15.46 -4.15
CA ALA C 353 -13.47 14.03 -4.39
C ALA C 353 -12.56 13.22 -3.47
N VAL C 354 -11.38 13.74 -3.15
CA VAL C 354 -10.49 13.03 -2.24
C VAL C 354 -11.00 13.14 -0.80
N LYS C 355 -11.50 14.32 -0.42
CA LYS C 355 -12.08 14.47 0.92
C LYS C 355 -13.29 13.56 1.09
N ASP C 356 -14.11 13.43 0.06
CA ASP C 356 -15.27 12.54 0.15
C ASP C 356 -14.85 11.08 0.15
N THR C 357 -13.73 10.76 -0.51
CA THR C 357 -13.21 9.40 -0.46
C THR C 357 -12.78 9.02 0.94
N ILE C 358 -12.10 9.93 1.63
CA ILE C 358 -11.64 9.65 2.99
C ILE C 358 -12.83 9.52 3.92
N LEU C 359 -13.84 10.38 3.75
CA LEU C 359 -15.04 10.35 4.64
C LEU C 359 -15.70 8.97 4.58
N GLN C 360 -15.91 8.43 3.37
CA GLN C 360 -16.60 7.13 3.22
C GLN C 360 -15.77 6.03 3.88
N LEU C 361 -14.44 6.10 3.76
CA LEU C 361 -13.55 5.09 4.38
C LEU C 361 -13.66 5.20 5.91
N ASN C 362 -13.77 6.42 6.45
CA ASN C 362 -13.95 6.56 7.89
C ASN C 362 -15.27 5.95 8.34
N LEU C 363 -16.33 6.14 7.57
CA LEU C 363 -17.64 5.59 7.93
C LEU C 363 -17.61 4.06 7.94
N LYS C 364 -16.92 3.46 6.97
CA LYS C 364 -16.90 2.00 6.88
C LYS C 364 -16.17 1.39 8.07
N GLU C 365 -15.08 2.01 8.52
CA GLU C 365 -14.32 1.47 9.64
C GLU C 365 -15.00 1.72 10.97
N TYR C 366 -15.95 2.65 11.03
CA TYR C 366 -16.72 2.90 12.28
C TYR C 366 -17.96 2.02 12.33
N ASN C 367 -18.19 1.25 11.27
CA ASN C 367 -19.40 0.37 11.19
C ASN C 367 -20.65 1.25 11.21
N LEU C 368 -20.56 2.48 10.72
CA LEU C 368 -21.75 3.36 10.62
C LEU C 368 -22.39 3.07 9.26
N VAL C 369 -21.56 2.93 8.22
CA VAL C 369 -22.06 2.57 6.90
C VAL C 369 -21.72 1.12 6.59
N GLU D 17 16.59 -12.72 -48.11
CA GLU D 17 15.15 -12.86 -48.02
C GLU D 17 14.78 -13.31 -46.60
N LEU D 18 13.65 -12.78 -46.10
CA LEU D 18 13.31 -12.97 -44.69
C LEU D 18 13.08 -14.45 -44.35
N ASP D 19 12.32 -15.15 -45.19
CA ASP D 19 11.98 -16.57 -44.91
C ASP D 19 13.28 -17.39 -44.85
N GLN D 20 14.24 -17.09 -45.73
CA GLN D 20 15.50 -17.88 -45.77
C GLN D 20 16.24 -17.73 -44.44
N LEU D 21 16.26 -16.51 -43.89
CA LEU D 21 16.99 -16.25 -42.63
C LEU D 21 16.29 -16.94 -41.45
N ARG D 22 14.95 -16.82 -41.38
CA ARG D 22 14.20 -17.42 -40.25
C ARG D 22 14.24 -18.94 -40.35
N GLN D 23 14.20 -19.49 -41.57
CA GLN D 23 14.35 -20.97 -41.73
C GLN D 23 15.74 -21.38 -41.27
N GLU D 24 16.76 -20.59 -41.60
CA GLU D 24 18.14 -20.89 -41.14
C GLU D 24 18.16 -20.84 -39.60
N ALA D 25 17.48 -19.85 -39.01
CA ALA D 25 17.42 -19.77 -37.56
C ALA D 25 16.71 -20.97 -36.96
N GLU D 26 15.64 -21.43 -37.64
CA GLU D 26 14.90 -22.63 -37.15
C GLU D 26 15.83 -23.85 -37.23
N GLN D 27 16.60 -23.97 -38.31
CA GLN D 27 17.54 -25.11 -38.47
C GLN D 27 18.61 -25.05 -37.37
N LEU D 28 19.10 -23.84 -37.06
CA LEU D 28 20.13 -23.68 -36.00
C LEU D 28 19.53 -24.08 -34.64
N LYS D 29 18.27 -23.69 -34.39
CA LYS D 29 17.58 -24.02 -33.12
C LYS D 29 17.39 -25.53 -33.01
N ASN D 30 17.05 -26.19 -34.13
CA ASN D 30 16.91 -27.67 -34.13
C ASN D 30 18.26 -28.29 -33.76
N GLN D 31 19.36 -27.76 -34.33
CA GLN D 31 20.72 -28.30 -34.04
C GLN D 31 21.03 -28.12 -32.56
N ILE D 32 20.68 -26.96 -31.99
CA ILE D 32 20.93 -26.72 -30.54
C ILE D 32 20.21 -27.80 -29.73
N ARG D 33 18.92 -28.04 -30.02
CA ARG D 33 18.16 -29.00 -29.23
C ARG D 33 18.72 -30.41 -29.40
N ASP D 34 19.14 -30.76 -30.61
CA ASP D 34 19.67 -32.10 -30.85
C ASP D 34 20.95 -32.35 -30.05
N ALA D 35 21.83 -31.33 -30.01
CA ALA D 35 23.11 -31.47 -29.28
C ALA D 35 22.82 -31.73 -27.80
N ARG D 36 21.87 -30.99 -27.22
CA ARG D 36 21.50 -31.20 -25.80
C ARG D 36 20.92 -32.61 -25.63
N LYS D 37 20.06 -33.04 -26.56
CA LYS D 37 19.41 -34.37 -26.44
C LYS D 37 20.50 -35.46 -26.42
N ALA D 38 21.67 -35.16 -26.99
CA ALA D 38 22.75 -36.15 -27.05
C ALA D 38 23.49 -36.23 -25.72
N CYS D 39 23.84 -35.07 -25.16
CA CYS D 39 24.59 -35.03 -23.90
C CYS D 39 23.64 -34.98 -22.71
N ALA D 40 22.78 -35.99 -22.62
CA ALA D 40 21.76 -36.09 -21.60
C ALA D 40 21.72 -37.51 -21.03
N ASP D 41 22.90 -38.02 -20.67
CA ASP D 41 23.02 -39.42 -20.25
C ASP D 41 22.08 -39.73 -19.09
N ALA D 42 22.29 -39.10 -17.95
CA ALA D 42 21.47 -39.36 -16.77
C ALA D 42 21.12 -38.06 -16.07
N THR D 43 19.94 -38.03 -15.48
CA THR D 43 19.49 -36.86 -14.74
C THR D 43 20.24 -36.76 -13.41
N LEU D 44 20.21 -35.55 -12.84
CA LEU D 44 20.85 -35.35 -11.53
C LEU D 44 20.14 -36.13 -10.44
N SER D 45 18.82 -36.33 -10.59
CA SER D 45 18.05 -37.11 -9.58
C SER D 45 18.59 -38.55 -9.54
N GLN D 46 18.87 -39.14 -10.70
CA GLN D 46 19.39 -40.53 -10.74
C GLN D 46 20.75 -40.62 -10.06
N ILE D 47 21.62 -39.63 -10.29
CA ILE D 47 23.00 -39.67 -9.71
C ILE D 47 22.91 -39.51 -8.20
N THR D 48 22.05 -38.62 -7.71
CA THR D 48 21.93 -38.37 -6.28
C THR D 48 20.87 -39.23 -5.61
N ASN D 49 20.54 -40.37 -6.20
CA ASN D 49 19.54 -41.25 -5.59
C ASN D 49 20.07 -41.87 -4.30
N ASN D 50 21.31 -42.34 -4.32
CA ASN D 50 21.92 -42.95 -3.13
C ASN D 50 22.78 -41.94 -2.39
N ILE D 51 22.12 -40.91 -1.86
CA ILE D 51 22.78 -39.88 -1.07
C ILE D 51 22.00 -39.68 0.22
N ASP D 52 22.70 -39.20 1.24
CA ASP D 52 22.07 -39.01 2.54
C ASP D 52 21.22 -37.74 2.52
N PRO D 53 19.94 -37.83 2.90
CA PRO D 53 19.09 -36.63 2.90
C PRO D 53 19.52 -35.65 3.97
N VAL D 54 19.20 -34.38 3.72
CA VAL D 54 19.53 -33.32 4.68
C VAL D 54 18.68 -33.47 5.94
N GLY D 55 17.43 -33.87 5.79
CA GLY D 55 16.53 -33.94 6.92
C GLY D 55 15.71 -32.68 7.08
N ARG D 56 15.22 -32.48 8.29
CA ARG D 56 14.48 -31.26 8.61
C ARG D 56 15.44 -30.14 8.97
N ILE D 57 15.08 -28.92 8.57
CA ILE D 57 15.87 -27.73 8.86
C ILE D 57 15.06 -26.86 9.82
N GLN D 58 15.66 -26.55 10.96
CA GLN D 58 15.00 -25.76 12.00
C GLN D 58 15.73 -24.41 12.10
N MET D 59 15.06 -23.35 11.64
CA MET D 59 15.59 -22.00 11.72
C MET D 59 14.64 -21.14 12.52
N ARG D 60 15.20 -20.31 13.40
CA ARG D 60 14.44 -19.43 14.26
C ARG D 60 14.88 -17.99 14.05
N THR D 61 13.92 -17.07 14.12
CA THR D 61 14.23 -15.67 13.88
C THR D 61 15.05 -15.07 15.02
N ARG D 62 16.37 -15.01 14.82
CA ARG D 62 17.26 -14.49 15.86
C ARG D 62 17.07 -12.99 16.06
N ARG D 63 16.78 -12.25 14.99
CA ARG D 63 16.61 -10.81 15.09
C ARG D 63 15.37 -10.39 14.31
N THR D 64 14.98 -9.13 14.49
CA THR D 64 13.87 -8.53 13.75
C THR D 64 14.13 -7.03 13.68
N LEU D 65 14.54 -6.55 12.51
CA LEU D 65 14.90 -5.16 12.34
C LEU D 65 13.68 -4.33 11.96
N ARG D 66 13.43 -3.27 12.73
CA ARG D 66 12.29 -2.40 12.52
C ARG D 66 12.76 -0.97 12.29
N GLY D 67 11.92 -0.19 11.60
CA GLY D 67 12.23 1.20 11.35
C GLY D 67 11.77 1.72 10.00
N HIS D 68 11.55 0.81 9.05
CA HIS D 68 11.03 1.21 7.74
C HIS D 68 9.55 1.53 7.84
N LEU D 69 9.12 2.52 7.05
CA LEU D 69 7.73 2.97 7.09
C LEU D 69 6.83 2.24 6.11
N ALA D 70 7.38 1.68 5.03
CA ALA D 70 6.57 1.09 3.98
C ALA D 70 7.23 -0.22 3.53
N LYS D 71 6.76 -0.74 2.40
CA LYS D 71 7.21 -2.05 1.93
C LYS D 71 8.69 -2.03 1.62
N ILE D 72 9.36 -3.14 1.92
CA ILE D 72 10.79 -3.33 1.65
C ILE D 72 10.91 -4.11 0.35
N TYR D 73 11.74 -3.60 -0.57
CA TYR D 73 11.85 -4.19 -1.90
C TYR D 73 13.18 -4.90 -2.15
N ALA D 74 14.25 -4.51 -1.47
CA ALA D 74 15.53 -5.15 -1.73
C ALA D 74 16.45 -5.00 -0.52
N MET D 75 17.35 -5.97 -0.36
CA MET D 75 18.42 -5.90 0.63
C MET D 75 19.67 -6.54 0.04
N HIS D 76 20.81 -6.19 0.61
CA HIS D 76 22.08 -6.79 0.19
C HIS D 76 23.03 -6.83 1.37
N TRP D 77 23.66 -7.99 1.57
CA TRP D 77 24.62 -8.17 2.64
C TRP D 77 25.97 -7.54 2.27
N GLY D 78 26.64 -7.01 3.28
CA GLY D 78 28.01 -6.59 3.10
C GLY D 78 28.97 -7.76 3.05
N THR D 79 30.18 -7.50 2.59
CA THR D 79 31.16 -8.57 2.49
C THR D 79 31.70 -8.98 3.85
N ASP D 80 31.68 -8.08 4.83
CA ASP D 80 32.09 -8.44 6.18
C ASP D 80 31.04 -9.30 6.89
N SER D 81 29.85 -9.44 6.31
CA SER D 81 28.80 -10.34 6.78
C SER D 81 28.23 -9.91 8.13
N ARG D 82 28.23 -8.62 8.42
CA ARG D 82 27.57 -8.12 9.62
C ARG D 82 26.68 -6.92 9.30
N LEU D 83 27.02 -6.18 8.25
CA LEU D 83 26.27 -5.00 7.83
C LEU D 83 25.45 -5.32 6.60
N LEU D 84 24.18 -4.92 6.61
CA LEU D 84 23.31 -5.10 5.47
C LEU D 84 22.54 -3.81 5.20
N VAL D 85 22.25 -3.55 3.94
CA VAL D 85 21.51 -2.37 3.51
C VAL D 85 20.15 -2.82 2.98
N SER D 86 19.11 -2.05 3.29
CA SER D 86 17.77 -2.36 2.84
C SER D 86 17.15 -1.13 2.22
N ALA D 87 16.29 -1.36 1.23
CA ALA D 87 15.61 -0.29 0.49
C ALA D 87 14.11 -0.45 0.68
N SER D 88 13.45 0.67 1.02
CA SER D 88 11.97 0.66 1.15
C SER D 88 11.41 1.79 0.27
N GLN D 89 10.11 1.75 -0.02
CA GLN D 89 9.53 2.77 -0.96
C GLN D 89 9.15 4.04 -0.20
N ASP D 90 9.40 4.08 1.11
CA ASP D 90 9.16 5.32 1.90
C ASP D 90 10.24 6.35 1.52
N GLY D 91 11.25 5.94 0.75
CA GLY D 91 12.33 6.83 0.40
C GLY D 91 13.54 6.77 1.30
N LYS D 92 13.76 5.64 1.98
CA LYS D 92 14.86 5.50 2.92
C LYS D 92 15.78 4.36 2.51
N LEU D 93 17.07 4.58 2.65
CA LEU D 93 18.09 3.55 2.49
C LEU D 93 18.77 3.41 3.85
N ILE D 94 18.49 2.32 4.55
CA ILE D 94 18.93 2.14 5.92
C ILE D 94 20.01 1.06 5.95
N ILE D 95 21.11 1.36 6.63
CA ILE D 95 22.20 0.41 6.84
C ILE D 95 22.14 -0.08 8.28
N TRP D 96 22.01 -1.39 8.45
CA TRP D 96 21.84 -2.00 9.76
C TRP D 96 23.12 -2.68 10.20
N ASP D 97 23.27 -2.84 11.52
CA ASP D 97 24.25 -3.76 12.08
C ASP D 97 23.51 -5.00 12.56
N SER D 98 23.82 -6.15 11.97
CA SER D 98 23.06 -7.36 12.26
C SER D 98 23.24 -7.80 13.71
N TYR D 99 24.45 -7.69 14.24
CA TYR D 99 24.72 -8.21 15.57
C TYR D 99 23.96 -7.43 16.65
N THR D 100 24.05 -6.11 16.62
CA THR D 100 23.52 -5.28 17.69
C THR D 100 22.24 -4.54 17.32
N THR D 101 21.74 -4.73 16.09
CA THR D 101 20.48 -4.12 15.64
C THR D 101 20.52 -2.60 15.75
N ASN D 102 21.69 -2.02 15.47
CA ASN D 102 21.85 -0.57 15.44
C ASN D 102 21.88 -0.07 14.00
N LYS D 103 21.16 1.01 13.75
CA LYS D 103 21.21 1.66 12.45
C LYS D 103 22.46 2.51 12.35
N VAL D 104 23.26 2.28 11.31
CA VAL D 104 24.53 3.03 11.13
C VAL D 104 24.25 4.25 10.24
N HIS D 105 23.47 4.07 9.18
CA HIS D 105 23.14 5.20 8.26
C HIS D 105 21.66 5.19 7.88
N ALA D 106 21.09 6.37 7.60
CA ALA D 106 19.70 6.47 7.12
C ALA D 106 19.73 7.47 5.97
N ILE D 107 19.77 7.00 4.72
CA ILE D 107 19.95 7.89 3.59
C ILE D 107 18.58 8.22 3.02
N PRO D 108 18.23 9.50 2.88
CA PRO D 108 16.98 9.85 2.18
C PRO D 108 17.19 9.95 0.67
N LEU D 109 16.38 9.24 -0.10
CA LEU D 109 16.53 9.18 -1.55
C LEU D 109 15.72 10.29 -2.21
N ARG D 110 16.19 10.70 -3.40
CA ARG D 110 15.49 11.73 -4.16
C ARG D 110 14.15 11.23 -4.68
N SER D 111 14.10 9.99 -5.17
CA SER D 111 12.87 9.36 -5.62
C SER D 111 12.59 8.17 -4.72
N SER D 112 11.38 8.12 -4.15
CA SER D 112 11.06 7.04 -3.24
C SER D 112 10.81 5.72 -3.96
N TRP D 113 10.61 5.75 -5.27
CA TRP D 113 10.32 4.54 -6.05
C TRP D 113 11.63 3.83 -6.36
N VAL D 114 12.05 2.96 -5.45
CA VAL D 114 13.27 2.19 -5.59
C VAL D 114 12.93 0.72 -5.62
N MET D 115 13.56 -0.02 -6.53
CA MET D 115 13.30 -1.43 -6.70
C MET D 115 14.51 -2.31 -6.50
N THR D 116 15.69 -1.72 -6.27
CA THR D 116 16.91 -2.51 -6.12
C THR D 116 17.88 -1.77 -5.22
N CYS D 117 18.87 -2.51 -4.73
CA CYS D 117 19.87 -1.98 -3.81
C CYS D 117 21.10 -2.87 -3.88
N ALA D 118 22.27 -2.28 -3.64
CA ALA D 118 23.51 -3.03 -3.70
C ALA D 118 24.50 -2.44 -2.70
N TYR D 119 25.46 -3.28 -2.30
CA TYR D 119 26.48 -2.90 -1.34
C TYR D 119 27.83 -3.18 -1.97
N ALA D 120 28.74 -2.21 -1.91
CA ALA D 120 30.04 -2.37 -2.53
C ALA D 120 30.84 -3.44 -1.79
N PRO D 121 31.65 -4.24 -2.50
CA PRO D 121 32.48 -5.23 -1.80
C PRO D 121 33.46 -4.60 -0.84
N SER D 122 34.03 -3.44 -1.18
CA SER D 122 34.92 -2.75 -0.25
C SER D 122 34.18 -2.24 0.97
N GLY D 123 32.88 -2.01 0.86
CA GLY D 123 32.11 -1.48 1.96
C GLY D 123 32.03 0.02 2.02
N ASN D 124 32.49 0.73 0.98
CA ASN D 124 32.50 2.18 0.98
C ASN D 124 31.32 2.79 0.22
N TYR D 125 30.65 2.04 -0.63
CA TYR D 125 29.59 2.57 -1.47
C TYR D 125 28.33 1.73 -1.34
N VAL D 126 27.20 2.37 -1.60
CA VAL D 126 25.93 1.68 -1.80
C VAL D 126 25.28 2.27 -3.04
N ALA D 127 24.40 1.48 -3.65
CA ALA D 127 23.72 1.88 -4.88
C ALA D 127 22.25 1.54 -4.77
N CYS D 128 21.42 2.28 -5.51
CA CYS D 128 20.00 2.02 -5.55
C CYS D 128 19.42 2.59 -6.84
N GLY D 129 18.25 2.09 -7.21
CA GLY D 129 17.58 2.58 -8.40
C GLY D 129 16.16 2.08 -8.41
N GLY D 130 15.39 2.60 -9.36
CA GLY D 130 14.00 2.20 -9.47
C GLY D 130 13.31 2.74 -10.70
N LEU D 131 12.08 3.20 -10.52
CA LEU D 131 11.26 3.68 -11.63
C LEU D 131 11.72 5.02 -12.17
N ASP D 132 12.72 5.65 -11.55
CA ASP D 132 13.29 6.90 -12.05
C ASP D 132 14.30 6.68 -13.16
N ASN D 133 14.64 5.43 -13.49
CA ASN D 133 15.56 5.06 -14.56
C ASN D 133 16.99 5.52 -14.30
N ILE D 134 17.34 5.79 -13.05
CA ILE D 134 18.66 6.31 -12.69
C ILE D 134 19.23 5.46 -11.56
N CYS D 135 20.51 5.13 -11.65
CA CYS D 135 21.24 4.47 -10.58
C CYS D 135 22.08 5.49 -9.83
N SER D 136 21.85 5.62 -8.54
CA SER D 136 22.56 6.58 -7.71
C SER D 136 23.61 5.86 -6.88
N ILE D 137 24.80 6.46 -6.77
CA ILE D 137 25.89 5.93 -5.97
C ILE D 137 26.10 6.85 -4.78
N TYR D 138 26.06 6.29 -3.58
CA TYR D 138 26.26 7.04 -2.35
C TYR D 138 27.60 6.66 -1.73
N ASN D 139 28.36 7.67 -1.33
CA ASN D 139 29.64 7.45 -0.66
C ASN D 139 29.42 7.43 0.84
N LEU D 140 29.81 6.33 1.47
CA LEU D 140 29.56 6.14 2.90
C LEU D 140 30.66 6.73 3.76
N LYS D 141 31.89 6.29 3.56
CA LYS D 141 33.02 6.74 4.36
C LYS D 141 33.64 8.00 3.75
N THR D 142 34.40 8.71 4.58
CA THR D 142 35.22 9.87 4.19
C THR D 142 34.33 11.08 3.91
N ARG D 143 33.01 10.86 3.87
CA ARG D 143 32.05 11.97 3.67
C ARG D 143 31.60 12.47 5.05
N GLU D 144 32.07 13.65 5.46
CA GLU D 144 31.74 14.18 6.81
C GLU D 144 30.23 14.45 6.92
N GLY D 145 29.65 14.16 8.09
CA GLY D 145 28.21 14.41 8.28
C GLY D 145 27.35 13.55 7.38
N ASN D 146 26.32 14.14 6.76
CA ASN D 146 25.39 13.38 5.88
C ASN D 146 26.16 12.75 4.71
N VAL D 147 25.81 11.53 4.33
CA VAL D 147 26.42 10.90 3.12
C VAL D 147 25.84 11.60 1.89
N ARG D 148 26.64 11.79 0.85
CA ARG D 148 26.14 12.55 -0.33
C ARG D 148 26.11 11.63 -1.56
N VAL D 149 25.41 12.06 -2.63
CA VAL D 149 25.34 11.26 -3.83
C VAL D 149 26.60 11.48 -4.66
N SER D 150 27.46 10.46 -4.72
CA SER D 150 28.69 10.59 -5.48
C SER D 150 28.41 10.69 -6.97
N ARG D 151 27.43 9.96 -7.48
CA ARG D 151 27.22 9.90 -8.92
C ARG D 151 25.75 9.65 -9.24
N GLU D 152 25.34 10.07 -10.44
CA GLU D 152 24.01 9.85 -11.01
C GLU D 152 24.17 9.19 -12.38
N LEU D 153 24.17 7.87 -12.40
CA LEU D 153 24.31 7.13 -13.65
C LEU D 153 22.99 7.17 -14.40
N ALA D 154 22.96 7.93 -15.50
CA ALA D 154 21.75 8.08 -16.30
C ALA D 154 22.02 7.63 -17.73
N GLY D 155 20.96 7.19 -18.39
CA GLY D 155 21.08 6.69 -19.75
C GLY D 155 20.16 5.53 -20.07
N HIS D 156 19.66 4.86 -19.05
CA HIS D 156 18.67 3.82 -19.26
C HIS D 156 17.33 4.45 -19.64
N THR D 157 16.54 3.71 -20.43
CA THR D 157 15.24 4.17 -20.87
C THR D 157 14.10 3.33 -20.30
N GLY D 158 14.35 2.62 -19.20
CA GLY D 158 13.33 1.88 -18.50
C GLY D 158 13.67 1.83 -17.03
N TYR D 159 12.74 1.30 -16.24
CA TYR D 159 12.98 1.21 -14.81
C TYR D 159 14.16 0.29 -14.54
N LEU D 160 14.98 0.67 -13.56
CA LEU D 160 16.20 -0.05 -13.25
C LEU D 160 15.90 -1.09 -12.19
N SER D 161 16.08 -2.37 -12.54
CA SER D 161 15.56 -3.46 -11.73
C SER D 161 16.62 -4.20 -10.92
N CYS D 162 17.90 -4.06 -11.26
CA CYS D 162 18.95 -4.69 -10.46
C CYS D 162 20.27 -4.00 -10.76
N CYS D 163 21.15 -3.99 -9.75
CA CYS D 163 22.49 -3.46 -9.91
C CYS D 163 23.40 -4.21 -8.95
N ARG D 164 24.60 -4.55 -9.43
CA ARG D 164 25.57 -5.27 -8.62
C ARG D 164 26.95 -4.66 -8.83
N PHE D 165 27.64 -4.38 -7.74
CA PHE D 165 28.95 -3.71 -7.79
C PHE D 165 29.99 -4.72 -8.25
N LEU D 166 30.56 -4.48 -9.43
CA LEU D 166 31.67 -5.30 -9.90
C LEU D 166 32.96 -4.96 -9.15
N ASP D 167 33.19 -3.68 -8.91
CA ASP D 167 34.34 -3.19 -8.19
C ASP D 167 33.96 -1.84 -7.58
N ASP D 168 34.94 -1.08 -7.11
CA ASP D 168 34.65 0.27 -6.64
C ASP D 168 34.44 1.25 -7.79
N ASN D 169 34.75 0.86 -9.03
CA ASN D 169 34.63 1.74 -10.18
C ASN D 169 33.93 1.06 -11.36
N GLN D 170 33.17 0.00 -11.11
CA GLN D 170 32.43 -0.68 -12.16
C GLN D 170 31.18 -1.30 -11.57
N ILE D 171 30.01 -0.95 -12.12
CA ILE D 171 28.74 -1.47 -11.68
C ILE D 171 27.94 -1.92 -12.89
N VAL D 172 27.32 -3.09 -12.78
CA VAL D 172 26.49 -3.66 -13.85
C VAL D 172 25.03 -3.50 -13.45
N THR D 173 24.24 -2.89 -14.32
CA THR D 173 22.84 -2.63 -14.05
C THR D 173 21.97 -3.29 -15.11
N SER D 174 20.76 -3.64 -14.71
CA SER D 174 19.75 -4.19 -15.60
C SER D 174 18.49 -3.36 -15.49
N SER D 175 17.81 -3.15 -16.61
CA SER D 175 16.69 -2.21 -16.65
C SER D 175 15.52 -2.82 -17.41
N GLY D 176 14.45 -2.04 -17.50
CA GLY D 176 13.23 -2.39 -18.19
C GLY D 176 13.19 -2.07 -19.66
N ASP D 177 14.29 -1.61 -20.24
CA ASP D 177 14.40 -1.43 -21.68
C ASP D 177 15.01 -2.66 -22.36
N THR D 178 14.94 -3.81 -21.70
CA THR D 178 15.40 -5.10 -22.22
C THR D 178 16.92 -5.17 -22.40
N THR D 179 17.67 -4.27 -21.77
CA THR D 179 19.12 -4.22 -21.93
C THR D 179 19.80 -4.16 -20.57
N CYS D 180 21.03 -4.64 -20.53
CA CYS D 180 21.93 -4.48 -19.39
C CYS D 180 23.10 -3.60 -19.80
N ALA D 181 23.80 -3.05 -18.82
CA ALA D 181 24.89 -2.13 -19.09
C ALA D 181 25.96 -2.25 -18.03
N LEU D 182 27.19 -1.88 -18.42
CA LEU D 182 28.33 -1.84 -17.51
C LEU D 182 28.85 -0.41 -17.46
N TRP D 183 28.82 0.20 -16.29
CA TRP D 183 29.13 1.61 -16.11
C TRP D 183 30.49 1.81 -15.48
N ASP D 184 31.09 2.97 -15.78
CA ASP D 184 32.27 3.45 -15.08
C ASP D 184 31.85 4.63 -14.22
N ILE D 185 31.83 4.43 -12.89
CA ILE D 185 31.31 5.44 -11.99
C ILE D 185 32.10 6.74 -12.09
N GLU D 186 33.42 6.64 -12.22
CA GLU D 186 34.25 7.84 -12.29
C GLU D 186 33.88 8.69 -13.50
N THR D 187 33.81 8.08 -14.68
CA THR D 187 33.46 8.82 -15.88
C THR D 187 31.97 9.11 -15.95
N GLY D 188 31.14 8.18 -15.50
CA GLY D 188 29.70 8.33 -15.56
C GLY D 188 29.06 7.79 -16.81
N GLN D 189 29.87 7.31 -17.76
CA GLN D 189 29.32 6.83 -19.06
C GLN D 189 29.32 5.30 -19.08
N GLN D 190 28.31 4.69 -19.70
CA GLN D 190 28.29 3.21 -19.83
C GLN D 190 29.45 2.78 -20.74
N THR D 191 30.12 1.67 -20.39
CA THR D 191 31.27 1.18 -21.18
C THR D 191 30.77 0.12 -22.17
N THR D 192 29.90 -0.78 -21.71
CA THR D 192 29.42 -1.84 -22.58
C THR D 192 27.92 -1.98 -22.40
N THR D 193 27.23 -2.36 -23.48
CA THR D 193 25.80 -2.59 -23.45
C THR D 193 25.54 -4.03 -23.87
N PHE D 194 24.73 -4.74 -23.09
CA PHE D 194 24.41 -6.14 -23.35
C PHE D 194 22.95 -6.22 -23.76
N THR D 195 22.71 -6.31 -25.07
CA THR D 195 21.35 -6.30 -25.61
C THR D 195 21.11 -7.54 -26.48
N GLY D 196 20.49 -8.55 -25.89
CA GLY D 196 20.02 -9.70 -26.64
C GLY D 196 18.62 -10.11 -26.23
N HIS D 197 18.14 -9.54 -25.13
CA HIS D 197 16.87 -9.95 -24.56
C HIS D 197 15.71 -9.34 -25.33
N THR D 198 14.56 -10.01 -25.23
CA THR D 198 13.32 -9.53 -25.85
C THR D 198 12.24 -9.25 -24.82
N GLY D 199 12.62 -9.01 -23.58
CA GLY D 199 11.67 -8.70 -22.52
C GLY D 199 12.37 -7.97 -21.40
N ASP D 200 11.58 -7.57 -20.41
CA ASP D 200 12.12 -6.85 -19.26
C ASP D 200 13.13 -7.72 -18.52
N VAL D 201 14.32 -7.17 -18.27
CA VAL D 201 15.32 -7.88 -17.48
C VAL D 201 15.04 -7.59 -16.01
N MET D 202 14.76 -8.64 -15.24
CA MET D 202 14.30 -8.49 -13.87
C MET D 202 15.35 -8.82 -12.81
N SER D 203 16.39 -9.59 -13.16
CA SER D 203 17.36 -10.03 -12.16
C SER D 203 18.72 -10.15 -12.81
N LEU D 204 19.75 -10.24 -11.95
CA LEU D 204 21.13 -10.21 -12.40
C LEU D 204 22.01 -10.78 -11.29
N SER D 205 22.89 -11.71 -11.65
CA SER D 205 23.78 -12.35 -10.68
C SER D 205 25.20 -12.42 -11.25
N LEU D 206 26.17 -12.08 -10.43
CA LEU D 206 27.57 -12.05 -10.83
C LEU D 206 28.28 -13.33 -10.43
N ALA D 207 29.20 -13.79 -11.27
CA ALA D 207 29.99 -14.96 -10.98
C ALA D 207 31.03 -14.63 -9.90
N PRO D 208 31.52 -15.65 -9.18
CA PRO D 208 32.56 -15.39 -8.17
C PRO D 208 33.82 -14.76 -8.73
N ASP D 209 34.20 -15.08 -9.96
CA ASP D 209 35.39 -14.50 -10.57
C ASP D 209 35.11 -13.16 -11.25
N THR D 210 33.85 -12.72 -11.28
CA THR D 210 33.46 -11.42 -11.85
C THR D 210 33.93 -11.26 -13.29
N ARG D 211 33.84 -12.35 -14.05
CA ARG D 211 34.07 -12.31 -15.48
C ARG D 211 32.87 -12.76 -16.30
N LEU D 212 31.86 -13.33 -15.66
CA LEU D 212 30.62 -13.71 -16.30
C LEU D 212 29.47 -13.32 -15.39
N PHE D 213 28.29 -13.13 -15.97
CA PHE D 213 27.10 -12.87 -15.17
C PHE D 213 25.87 -13.29 -15.97
N VAL D 214 24.92 -13.90 -15.27
CA VAL D 214 23.67 -14.36 -15.87
C VAL D 214 22.59 -13.32 -15.57
N SER D 215 21.64 -13.21 -16.48
CA SER D 215 20.52 -12.30 -16.33
C SER D 215 19.23 -13.02 -16.69
N GLY D 216 18.17 -12.75 -15.94
CA GLY D 216 16.86 -13.33 -16.18
C GLY D 216 15.91 -12.24 -16.63
N ALA D 217 15.03 -12.58 -17.57
CA ALA D 217 14.15 -11.61 -18.20
C ALA D 217 12.72 -12.11 -18.19
N CYS D 218 11.82 -11.27 -18.69
CA CYS D 218 10.40 -11.58 -18.72
C CYS D 218 9.99 -12.41 -19.93
N ASP D 219 10.91 -12.69 -20.86
CA ASP D 219 10.63 -13.59 -21.96
C ASP D 219 10.92 -15.05 -21.61
N ALA D 220 11.05 -15.35 -20.31
CA ALA D 220 11.23 -16.72 -19.82
C ALA D 220 12.52 -17.34 -20.33
N SER D 221 13.57 -16.53 -20.42
CA SER D 221 14.87 -17.02 -20.85
C SER D 221 15.95 -16.37 -20.00
N ALA D 222 17.06 -17.10 -19.82
CA ALA D 222 18.23 -16.60 -19.12
C ALA D 222 19.43 -16.65 -20.06
N LYS D 223 20.33 -15.69 -19.90
CA LYS D 223 21.48 -15.56 -20.79
C LYS D 223 22.74 -15.34 -19.98
N LEU D 224 23.85 -15.90 -20.46
CA LEU D 224 25.15 -15.74 -19.83
C LEU D 224 25.97 -14.76 -20.64
N TRP D 225 26.42 -13.66 -20.01
CA TRP D 225 27.13 -12.59 -20.68
C TRP D 225 28.58 -12.56 -20.24
N ASP D 226 29.46 -12.24 -21.18
CA ASP D 226 30.87 -12.03 -20.88
C ASP D 226 31.12 -10.53 -20.69
N VAL D 227 31.68 -10.16 -19.55
CA VAL D 227 31.70 -8.76 -19.14
C VAL D 227 32.59 -7.94 -20.07
N ARG D 228 33.78 -8.44 -20.39
CA ARG D 228 34.72 -7.63 -21.17
C ARG D 228 34.37 -7.63 -22.65
N GLU D 229 34.13 -8.80 -23.24
CA GLU D 229 33.80 -8.85 -24.66
C GLU D 229 32.39 -8.32 -24.94
N GLY D 230 31.47 -8.50 -24.00
CA GLY D 230 30.16 -7.90 -24.15
C GLY D 230 29.20 -8.64 -25.06
N MET D 231 29.33 -9.96 -25.17
CA MET D 231 28.45 -10.75 -26.00
C MET D 231 27.81 -11.86 -25.18
N CYS D 232 26.68 -12.35 -25.67
CA CYS D 232 25.94 -13.43 -25.01
C CYS D 232 26.58 -14.77 -25.39
N ARG D 233 27.00 -15.53 -24.38
CA ARG D 233 27.68 -16.83 -24.64
C ARG D 233 26.62 -17.94 -24.84
N GLN D 234 25.74 -18.13 -23.86
CA GLN D 234 24.74 -19.24 -23.95
C GLN D 234 23.35 -18.72 -23.59
N THR D 235 22.30 -19.38 -24.08
CA THR D 235 20.90 -18.99 -23.74
C THR D 235 20.18 -20.19 -23.14
N PHE D 236 19.49 -20.01 -22.01
CA PHE D 236 18.82 -21.11 -21.33
C PHE D 236 17.32 -20.84 -21.32
N THR D 237 16.56 -21.86 -21.73
CA THR D 237 15.15 -21.65 -22.20
C THR D 237 14.24 -22.73 -21.60
N GLY D 238 14.31 -22.95 -20.28
CA GLY D 238 13.47 -23.98 -19.64
C GLY D 238 12.18 -23.45 -19.04
N HIS D 239 12.17 -22.18 -18.60
CA HIS D 239 10.97 -21.62 -17.91
C HIS D 239 9.81 -21.33 -18.87
N GLU D 240 8.58 -21.30 -18.34
CA GLU D 240 7.38 -20.99 -19.18
C GLU D 240 7.01 -19.52 -19.01
N SER D 241 6.74 -19.07 -17.78
CA SER D 241 6.48 -17.63 -17.52
C SER D 241 7.76 -16.93 -17.04
N ASP D 242 7.62 -15.66 -16.62
CA ASP D 242 8.74 -14.69 -16.54
C ASP D 242 9.63 -15.00 -15.34
N ILE D 243 10.93 -14.73 -15.46
CA ILE D 243 11.91 -15.04 -14.42
C ILE D 243 12.08 -13.83 -13.52
N ASN D 244 11.93 -14.03 -12.22
CA ASN D 244 12.01 -12.95 -11.25
C ASN D 244 13.34 -12.91 -10.50
N ALA D 245 14.03 -14.04 -10.36
CA ALA D 245 15.25 -14.09 -9.56
C ALA D 245 16.23 -15.07 -10.18
N ILE D 246 17.51 -14.85 -9.90
CA ILE D 246 18.57 -15.69 -10.43
C ILE D 246 19.77 -15.59 -9.48
N CYS D 247 20.52 -16.69 -9.37
CA CYS D 247 21.64 -16.74 -8.45
C CYS D 247 22.61 -17.83 -8.88
N PHE D 248 23.91 -17.52 -8.80
CA PHE D 248 24.94 -18.50 -9.15
C PHE D 248 25.13 -19.53 -8.05
N PHE D 249 25.39 -20.77 -8.48
CA PHE D 249 25.90 -21.79 -7.57
C PHE D 249 27.30 -21.39 -7.13
N PRO D 250 27.68 -21.70 -5.88
CA PRO D 250 29.00 -21.26 -5.39
C PRO D 250 30.17 -21.75 -6.22
N ASN D 251 30.05 -22.90 -6.87
CA ASN D 251 31.12 -23.38 -7.74
C ASN D 251 31.32 -22.47 -8.94
N GLY D 252 30.26 -21.77 -9.37
CA GLY D 252 30.31 -20.94 -10.55
C GLY D 252 29.97 -21.63 -11.84
N ASN D 253 29.70 -22.94 -11.81
CA ASN D 253 29.34 -23.69 -13.00
C ASN D 253 27.85 -24.01 -13.06
N ALA D 254 27.03 -23.36 -12.24
CA ALA D 254 25.60 -23.58 -12.28
C ALA D 254 24.92 -22.35 -11.68
N PHE D 255 23.63 -22.22 -11.97
CA PHE D 255 22.83 -21.14 -11.40
C PHE D 255 21.37 -21.58 -11.32
N ALA D 256 20.63 -20.97 -10.41
CA ALA D 256 19.23 -21.29 -10.18
C ALA D 256 18.36 -20.10 -10.53
N THR D 257 17.23 -20.38 -11.17
CA THR D 257 16.28 -19.35 -11.58
C THR D 257 14.93 -19.60 -10.91
N GLY D 258 14.35 -18.56 -10.36
CA GLY D 258 12.99 -18.59 -9.84
C GLY D 258 12.08 -17.75 -10.72
N SER D 259 10.89 -18.27 -10.99
CA SER D 259 9.99 -17.64 -11.93
C SER D 259 8.58 -17.61 -11.35
N ASP D 260 7.65 -17.06 -12.13
CA ASP D 260 6.25 -17.00 -11.73
C ASP D 260 5.53 -18.32 -11.93
N ASP D 261 6.19 -19.32 -12.51
CA ASP D 261 5.65 -20.66 -12.64
C ASP D 261 5.58 -21.40 -11.32
N ALA D 262 6.03 -20.79 -10.23
CA ALA D 262 6.15 -21.42 -8.92
C ALA D 262 7.14 -22.57 -8.91
N THR D 263 8.06 -22.58 -9.87
CA THR D 263 9.09 -23.62 -9.94
C THR D 263 10.46 -22.97 -10.02
N CYS D 264 11.44 -23.57 -9.33
CA CYS D 264 12.85 -23.10 -9.46
C CYS D 264 13.59 -24.09 -10.35
N ARG D 265 14.41 -23.62 -11.28
CA ARG D 265 15.08 -24.55 -12.23
C ARG D 265 16.61 -24.37 -12.14
N LEU D 266 17.34 -25.48 -12.11
CA LEU D 266 18.83 -25.42 -12.05
C LEU D 266 19.40 -25.61 -13.44
N PHE D 267 20.36 -24.76 -13.85
CA PHE D 267 21.00 -24.87 -15.15
C PHE D 267 22.51 -25.03 -14.95
N ASP D 268 23.14 -25.75 -15.87
CA ASP D 268 24.58 -25.98 -15.83
C ASP D 268 25.23 -25.31 -17.03
N LEU D 269 26.30 -24.57 -16.78
CA LEU D 269 26.96 -23.82 -17.85
C LEU D 269 27.63 -24.75 -18.86
N ARG D 270 28.34 -25.76 -18.37
CA ARG D 270 29.05 -26.66 -19.28
C ARG D 270 28.10 -27.62 -19.98
N ALA D 271 27.10 -28.13 -19.26
CA ALA D 271 26.12 -29.02 -19.87
C ALA D 271 25.14 -28.26 -20.76
N ASP D 272 24.96 -26.96 -20.48
CA ASP D 272 24.04 -26.11 -21.30
C ASP D 272 22.63 -26.70 -21.26
N GLN D 273 22.26 -27.33 -20.15
CA GLN D 273 20.92 -27.98 -20.05
C GLN D 273 20.32 -27.76 -18.67
N GLU D 274 19.00 -27.89 -18.55
CA GLU D 274 18.33 -27.77 -17.23
C GLU D 274 18.52 -29.10 -16.49
N LEU D 275 18.93 -29.05 -15.21
CA LEU D 275 19.20 -30.26 -14.45
C LEU D 275 17.99 -30.72 -13.64
N MET D 276 17.53 -29.90 -12.71
CA MET D 276 16.44 -30.31 -11.82
C MET D 276 15.42 -29.18 -11.69
N THR D 277 14.21 -29.55 -11.33
CA THR D 277 13.12 -28.62 -11.10
C THR D 277 12.59 -28.79 -9.69
N TYR D 278 12.54 -27.70 -8.93
CA TYR D 278 12.03 -27.71 -7.57
C TYR D 278 10.63 -27.10 -7.59
N SER D 279 9.61 -27.97 -7.50
CA SER D 279 8.23 -27.52 -7.59
C SER D 279 7.38 -28.36 -6.65
N HIS D 280 6.21 -27.81 -6.33
CA HIS D 280 5.26 -28.51 -5.47
C HIS D 280 3.85 -28.18 -5.93
N ASP D 281 2.96 -29.17 -5.84
CA ASP D 281 1.59 -28.97 -6.31
C ASP D 281 0.87 -27.92 -5.48
N ASN D 282 1.12 -27.88 -4.18
CA ASN D 282 0.49 -26.88 -3.32
C ASN D 282 0.90 -25.46 -3.71
N ILE D 283 2.13 -25.28 -4.14
CA ILE D 283 2.67 -23.95 -4.44
C ILE D 283 2.13 -23.50 -5.79
N ILE D 284 1.42 -22.37 -5.80
CA ILE D 284 0.83 -21.83 -7.02
C ILE D 284 1.19 -20.35 -7.15
N CYS D 285 1.82 -19.81 -6.11
CA CYS D 285 2.22 -18.41 -6.10
C CYS D 285 3.59 -18.24 -6.75
N GLY D 286 3.87 -17.02 -7.18
CA GLY D 286 5.14 -16.73 -7.83
C GLY D 286 6.30 -16.72 -6.86
N ILE D 287 7.50 -16.79 -7.42
CA ILE D 287 8.74 -16.79 -6.66
C ILE D 287 9.38 -15.42 -6.81
N THR D 288 9.73 -14.80 -5.69
CA THR D 288 10.22 -13.43 -5.68
C THR D 288 11.73 -13.33 -5.57
N SER D 289 12.38 -14.27 -4.88
CA SER D 289 13.81 -14.23 -4.71
C SER D 289 14.33 -15.64 -4.50
N VAL D 290 15.63 -15.82 -4.76
CA VAL D 290 16.28 -17.11 -4.61
C VAL D 290 17.73 -16.87 -4.20
N SER D 291 18.29 -17.80 -3.44
CA SER D 291 19.68 -17.71 -3.01
C SER D 291 20.19 -19.10 -2.65
N PHE D 292 21.51 -19.21 -2.58
CA PHE D 292 22.18 -20.47 -2.29
C PHE D 292 22.86 -20.41 -0.93
N SER D 293 23.21 -21.57 -0.41
CA SER D 293 23.99 -21.67 0.80
C SER D 293 25.48 -21.60 0.48
N LYS D 294 26.30 -21.55 1.53
CA LYS D 294 27.74 -21.45 1.32
C LYS D 294 28.29 -22.70 0.65
N SER D 295 27.80 -23.87 1.05
CA SER D 295 28.21 -25.12 0.42
C SER D 295 27.43 -25.43 -0.85
N GLY D 296 26.33 -24.73 -1.10
CA GLY D 296 25.49 -24.99 -2.25
C GLY D 296 24.44 -26.07 -2.04
N ARG D 297 24.38 -26.68 -0.85
CA ARG D 297 23.43 -27.76 -0.62
C ARG D 297 22.01 -27.22 -0.47
N LEU D 298 21.84 -26.10 0.23
CA LEU D 298 20.53 -25.53 0.48
C LEU D 298 20.23 -24.44 -0.53
N LEU D 299 19.05 -24.50 -1.13
CA LEU D 299 18.58 -23.48 -2.05
C LEU D 299 17.34 -22.84 -1.45
N LEU D 300 17.45 -21.56 -1.09
CA LEU D 300 16.37 -20.84 -0.44
C LEU D 300 15.59 -20.05 -1.48
N ALA D 301 14.27 -20.00 -1.32
CA ALA D 301 13.40 -19.31 -2.27
C ALA D 301 12.29 -18.61 -1.51
N GLY D 302 12.12 -17.32 -1.78
CA GLY D 302 11.01 -16.57 -1.22
C GLY D 302 9.82 -16.61 -2.16
N TYR D 303 8.62 -16.67 -1.56
CA TYR D 303 7.39 -16.86 -2.31
C TYR D 303 6.39 -15.75 -1.99
N ASP D 304 5.34 -15.68 -2.80
CA ASP D 304 4.30 -14.69 -2.61
C ASP D 304 3.26 -15.11 -1.57
N ASP D 305 3.26 -16.36 -1.14
CA ASP D 305 2.35 -16.83 -0.10
C ASP D 305 2.89 -16.55 1.30
N PHE D 306 3.77 -15.56 1.43
CA PHE D 306 4.25 -14.94 2.67
C PHE D 306 5.35 -15.74 3.38
N ASN D 307 5.81 -16.87 2.87
CA ASN D 307 6.85 -17.62 3.56
C ASN D 307 7.88 -18.14 2.57
N CYS D 308 9.08 -18.40 3.08
CA CYS D 308 10.17 -18.95 2.32
C CYS D 308 10.18 -20.47 2.41
N ASN D 309 10.83 -21.10 1.45
CA ASN D 309 11.01 -22.55 1.42
C ASN D 309 12.48 -22.87 1.25
N VAL D 310 12.94 -23.90 1.95
CA VAL D 310 14.31 -24.37 1.85
C VAL D 310 14.29 -25.71 1.12
N TRP D 311 15.11 -25.82 0.07
CA TRP D 311 15.12 -26.99 -0.79
C TRP D 311 16.49 -27.67 -0.71
N ASP D 312 16.49 -29.00 -0.76
CA ASP D 312 17.71 -29.75 -0.93
C ASP D 312 18.10 -29.69 -2.40
N ALA D 313 19.16 -28.93 -2.70
CA ALA D 313 19.50 -28.63 -4.08
C ALA D 313 19.94 -29.84 -4.89
N LEU D 314 20.20 -30.98 -4.24
CA LEU D 314 20.60 -32.19 -4.93
C LEU D 314 19.52 -33.26 -4.98
N LYS D 315 18.41 -33.08 -4.26
CA LYS D 315 17.32 -34.04 -4.28
C LYS D 315 15.97 -33.43 -4.60
N ALA D 316 15.84 -32.10 -4.58
CA ALA D 316 14.61 -31.40 -4.96
C ALA D 316 13.43 -31.80 -4.06
N ASP D 317 13.69 -31.98 -2.77
CA ASP D 317 12.65 -32.20 -1.79
C ASP D 317 12.73 -31.15 -0.70
N ARG D 318 11.58 -30.67 -0.26
CA ARG D 318 11.55 -29.57 0.70
C ARG D 318 12.15 -30.01 2.04
N ALA D 319 12.93 -29.10 2.64
CA ALA D 319 13.61 -29.38 3.90
C ALA D 319 13.14 -28.50 5.05
N GLY D 320 12.52 -27.36 4.77
CA GLY D 320 12.06 -26.49 5.83
C GLY D 320 11.21 -25.37 5.26
N VAL D 321 10.57 -24.64 6.17
CA VAL D 321 9.73 -23.51 5.81
C VAL D 321 10.02 -22.38 6.80
N LEU D 322 10.28 -21.19 6.26
CA LEU D 322 10.55 -20.00 7.07
C LEU D 322 9.29 -19.15 7.11
N ALA D 323 8.43 -19.41 8.08
CA ALA D 323 7.21 -18.64 8.25
C ALA D 323 7.51 -17.41 9.10
N GLY D 324 6.48 -16.66 9.48
CA GLY D 324 6.66 -15.48 10.30
C GLY D 324 6.58 -14.16 9.56
N HIS D 325 6.23 -14.17 8.28
CA HIS D 325 5.97 -12.96 7.52
C HIS D 325 4.49 -12.94 7.15
N ASP D 326 3.81 -11.85 7.44
CA ASP D 326 2.38 -11.74 7.14
C ASP D 326 2.10 -11.05 5.82
N ASN D 327 3.13 -10.69 5.06
CA ASN D 327 2.96 -10.17 3.72
C ASN D 327 4.01 -10.81 2.82
N ARG D 328 3.97 -10.45 1.54
CA ARG D 328 4.84 -11.08 0.56
C ARG D 328 6.31 -10.84 0.90
N VAL D 329 7.10 -11.91 0.89
CA VAL D 329 8.54 -11.79 1.12
C VAL D 329 9.21 -11.45 -0.21
N SER D 330 9.83 -10.27 -0.27
CA SER D 330 10.30 -9.71 -1.53
C SER D 330 11.79 -9.88 -1.76
N CYS D 331 12.58 -10.00 -0.70
CA CYS D 331 14.02 -10.05 -0.81
C CYS D 331 14.57 -11.10 0.15
N LEU D 332 15.76 -11.61 -0.17
CA LEU D 332 16.32 -12.74 0.56
C LEU D 332 17.80 -12.86 0.26
N GLY D 333 18.64 -12.85 1.29
CA GLY D 333 20.10 -12.91 1.10
C GLY D 333 20.79 -13.80 2.12
N VAL D 334 21.89 -14.45 1.73
CA VAL D 334 22.66 -15.33 2.66
C VAL D 334 24.08 -14.74 2.82
N THR D 335 24.58 -14.66 4.05
CA THR D 335 25.91 -14.03 4.32
C THR D 335 27.03 -14.77 3.58
N ASP D 336 28.16 -14.08 3.34
CA ASP D 336 29.30 -14.69 2.67
C ASP D 336 29.82 -15.89 3.45
N ASP D 337 29.85 -15.80 4.78
CA ASP D 337 30.31 -16.92 5.59
C ASP D 337 29.24 -17.98 5.82
N GLY D 338 27.99 -17.71 5.46
CA GLY D 338 26.95 -18.70 5.61
C GLY D 338 26.31 -18.77 6.98
N MET D 339 26.56 -17.78 7.84
CA MET D 339 26.04 -17.83 9.20
C MET D 339 24.56 -17.52 9.26
N ALA D 340 24.09 -16.54 8.47
CA ALA D 340 22.68 -16.13 8.63
C ALA D 340 21.97 -15.83 7.30
N VAL D 341 20.64 -15.84 7.33
CA VAL D 341 19.83 -15.49 6.11
C VAL D 341 18.97 -14.28 6.49
N ALA D 342 18.98 -13.23 5.66
CA ALA D 342 18.12 -12.06 5.95
C ALA D 342 16.98 -11.98 4.93
N THR D 343 15.72 -12.06 5.39
CA THR D 343 14.57 -11.94 4.52
C THR D 343 13.79 -10.69 4.89
N GLY D 344 13.48 -9.87 3.90
CA GLY D 344 12.62 -8.73 4.08
C GLY D 344 11.33 -8.94 3.32
N SER D 345 10.27 -8.30 3.80
CA SER D 345 8.93 -8.51 3.21
C SER D 345 8.19 -7.17 3.16
N TRP D 346 7.02 -7.16 2.52
CA TRP D 346 6.21 -5.93 2.36
C TRP D 346 5.59 -5.52 3.70
N ASP D 347 5.83 -6.33 4.75
CA ASP D 347 5.34 -5.99 6.11
C ASP D 347 6.25 -4.94 6.74
N SER D 348 7.28 -4.48 6.02
CA SER D 348 8.23 -3.43 6.50
C SER D 348 9.20 -3.96 7.57
N PHE D 349 9.40 -5.28 7.66
CA PHE D 349 10.27 -5.82 8.73
C PHE D 349 11.29 -6.82 8.17
N LEU D 350 12.58 -6.66 8.53
CA LEU D 350 13.59 -7.64 8.16
C LEU D 350 13.80 -8.61 9.31
N LYS D 351 14.12 -9.85 8.97
CA LYS D 351 14.36 -10.89 9.96
C LYS D 351 15.66 -11.61 9.60
N ILE D 352 16.49 -11.85 10.60
CA ILE D 352 17.72 -12.63 10.44
C ILE D 352 17.46 -14.00 11.04
N TRP D 353 17.78 -15.05 10.27
CA TRP D 353 17.53 -16.44 10.71
C TRP D 353 18.88 -17.13 10.93
N ASN D 354 18.89 -18.24 11.68
CA ASN D 354 20.15 -19.00 11.93
C ASN D 354 19.79 -20.45 12.27
N SER E 18 13.72 -5.63 -38.80
CA SER E 18 13.22 -6.85 -39.42
C SER E 18 14.36 -7.67 -40.03
N ILE E 19 14.82 -7.25 -41.21
CA ILE E 19 15.90 -7.95 -41.88
C ILE E 19 17.19 -7.84 -41.06
N ALA E 20 17.45 -6.64 -40.53
CA ALA E 20 18.66 -6.42 -39.70
C ALA E 20 18.62 -7.33 -38.47
N GLN E 21 17.46 -7.38 -37.80
CA GLN E 21 17.32 -8.20 -36.57
C GLN E 21 17.53 -9.67 -36.92
N ALA E 22 16.99 -10.11 -38.06
CA ALA E 22 17.15 -11.52 -38.48
C ALA E 22 18.64 -11.84 -38.68
N ARG E 23 19.39 -10.92 -39.31
CA ARG E 23 20.82 -11.14 -39.52
C ARG E 23 21.56 -11.30 -38.20
N LYS E 24 21.22 -10.46 -37.21
CA LYS E 24 21.84 -10.57 -35.90
C LYS E 24 21.47 -11.89 -35.22
N LEU E 25 20.21 -12.28 -35.33
CA LEU E 25 19.75 -13.48 -34.63
C LEU E 25 20.44 -14.74 -35.16
N VAL E 26 20.55 -14.87 -36.47
CA VAL E 26 21.21 -16.05 -37.04
C VAL E 26 22.70 -16.04 -36.72
N GLU E 27 23.27 -14.84 -36.62
CA GLU E 27 24.71 -14.72 -36.24
C GLU E 27 24.88 -15.21 -34.80
N GLN E 28 23.99 -14.78 -33.90
CA GLN E 28 24.07 -15.19 -32.47
C GLN E 28 23.86 -16.70 -32.36
N LEU E 29 22.91 -17.26 -33.13
CA LEU E 29 22.59 -18.71 -33.00
C LEU E 29 23.75 -19.57 -33.53
N LYS E 30 24.38 -19.15 -34.64
CA LYS E 30 25.53 -19.91 -35.15
C LYS E 30 26.75 -19.72 -34.25
N MET E 31 26.87 -18.57 -33.59
CA MET E 31 27.95 -18.39 -32.62
C MET E 31 27.72 -19.22 -31.37
N GLU E 32 26.46 -19.42 -31.00
CA GLU E 32 26.12 -20.21 -29.81
C GLU E 32 26.25 -21.70 -30.04
N ALA E 33 26.33 -22.15 -31.30
CA ALA E 33 26.34 -23.59 -31.58
C ALA E 33 27.68 -24.24 -31.29
N ASN E 34 28.79 -23.52 -31.52
CA ASN E 34 30.10 -24.14 -31.48
C ASN E 34 30.60 -24.43 -30.06
N ILE E 35 29.92 -23.94 -29.02
CA ILE E 35 30.32 -24.25 -27.65
C ILE E 35 30.08 -25.73 -27.39
N ASP E 36 31.16 -26.48 -27.20
CA ASP E 36 31.04 -27.91 -26.94
C ASP E 36 30.45 -28.15 -25.56
N ARG E 37 29.54 -29.12 -25.49
CA ARG E 37 28.79 -29.42 -24.27
C ARG E 37 29.28 -30.74 -23.70
N ILE E 38 29.73 -30.73 -22.45
CA ILE E 38 30.09 -31.96 -21.76
C ILE E 38 28.83 -32.67 -21.28
N LYS E 39 28.97 -33.96 -21.00
CA LYS E 39 27.84 -34.77 -20.60
C LYS E 39 27.34 -34.37 -19.22
N VAL E 40 26.05 -34.58 -18.97
CA VAL E 40 25.45 -34.20 -17.71
C VAL E 40 26.04 -35.01 -16.56
N SER E 41 26.31 -36.30 -16.79
CA SER E 41 26.86 -37.14 -15.73
C SER E 41 28.20 -36.60 -15.24
N LYS E 42 29.06 -36.15 -16.17
CA LYS E 42 30.28 -35.48 -15.76
C LYS E 42 29.98 -34.19 -15.02
N ALA E 43 29.04 -33.39 -15.52
CA ALA E 43 28.68 -32.14 -14.86
C ALA E 43 28.00 -32.39 -13.52
N ALA E 44 27.10 -33.38 -13.46
CA ALA E 44 26.39 -33.66 -12.22
C ALA E 44 27.33 -34.16 -11.13
N ALA E 45 28.37 -34.91 -11.52
CA ALA E 45 29.34 -35.39 -10.56
C ALA E 45 30.09 -34.23 -9.88
N ASP E 46 30.44 -33.22 -10.67
CA ASP E 46 31.17 -32.08 -10.11
C ASP E 46 30.32 -31.30 -9.11
N LEU E 47 29.01 -31.27 -9.32
CA LEU E 47 28.13 -30.64 -8.34
C LEU E 47 28.15 -31.41 -7.02
N MET E 48 28.13 -32.74 -7.08
CA MET E 48 28.23 -33.54 -5.87
C MET E 48 29.61 -33.40 -5.22
N ALA E 49 30.66 -33.33 -6.04
CA ALA E 49 32.01 -33.23 -5.50
C ALA E 49 32.19 -31.94 -4.71
N TYR E 50 31.62 -30.83 -5.18
CA TYR E 50 31.76 -29.57 -4.47
C TYR E 50 30.95 -29.57 -3.18
N CYS E 51 29.75 -30.15 -3.21
CA CYS E 51 28.88 -30.11 -2.04
C CYS E 51 29.45 -30.94 -0.89
N GLU E 52 30.13 -32.04 -1.22
CA GLU E 52 30.69 -32.89 -0.16
C GLU E 52 31.95 -32.29 0.44
N ALA E 53 32.79 -31.65 -0.37
CA ALA E 53 34.04 -31.09 0.15
C ALA E 53 33.77 -29.96 1.14
N HIS E 54 32.77 -29.13 0.88
CA HIS E 54 32.48 -27.97 1.71
C HIS E 54 31.25 -28.17 2.59
N ALA E 55 30.83 -29.42 2.79
CA ALA E 55 29.66 -29.67 3.63
C ALA E 55 29.92 -29.30 5.08
N LYS E 56 31.14 -29.58 5.58
CA LYS E 56 31.45 -29.29 6.98
C LYS E 56 31.41 -27.80 7.26
N GLU E 57 31.93 -26.99 6.33
CA GLU E 57 32.04 -25.55 6.55
C GLU E 57 30.70 -24.83 6.47
N ASP E 58 29.64 -25.51 6.04
CA ASP E 58 28.33 -24.87 5.91
C ASP E 58 27.67 -24.74 7.29
N PRO E 59 27.43 -23.53 7.78
CA PRO E 59 26.85 -23.39 9.13
C PRO E 59 25.36 -23.67 9.17
N LEU E 60 24.64 -23.33 8.10
CA LEU E 60 23.20 -23.58 8.08
C LEU E 60 22.89 -25.05 7.92
N LEU E 61 23.72 -25.78 7.18
CA LEU E 61 23.52 -27.22 7.02
C LEU E 61 23.73 -27.94 8.35
N THR E 62 24.85 -27.69 9.00
CA THR E 62 25.16 -28.28 10.30
C THR E 62 25.14 -27.19 11.36
N PRO E 63 24.14 -27.14 12.24
CA PRO E 63 24.04 -26.03 13.20
C PRO E 63 25.30 -25.92 14.04
N VAL E 64 25.73 -24.67 14.25
CA VAL E 64 26.95 -24.36 14.98
C VAL E 64 26.63 -24.34 16.48
N PRO E 65 27.57 -24.72 17.34
CA PRO E 65 27.32 -24.57 18.79
C PRO E 65 27.07 -23.12 19.16
N ALA E 66 26.18 -22.92 20.13
CA ALA E 66 25.75 -21.58 20.51
C ALA E 66 26.88 -20.71 21.01
N SER E 67 27.99 -21.31 21.46
CA SER E 67 29.13 -20.52 21.92
C SER E 67 29.76 -19.74 20.76
N GLU E 68 29.84 -20.37 19.60
CA GLU E 68 30.48 -19.73 18.42
C GLU E 68 29.40 -19.28 17.43
N ASN E 69 28.22 -18.88 17.93
CA ASN E 69 27.17 -18.35 17.03
C ASN E 69 27.16 -16.83 17.18
N PRO E 70 27.48 -16.04 16.13
CA PRO E 70 27.56 -14.59 16.26
C PRO E 70 26.17 -13.96 16.48
N PHE E 71 25.11 -14.76 16.32
CA PHE E 71 23.76 -14.26 16.52
C PHE E 71 23.15 -14.92 17.75
N ARG E 72 22.52 -14.11 18.60
CA ARG E 72 21.98 -14.57 19.87
C ARG E 72 23.07 -15.21 20.74
N GLU E 73 24.12 -14.42 20.98
CA GLU E 73 25.28 -14.85 21.78
C GLU E 73 25.87 -16.17 21.29
C1 NAG F . -33.04 -12.02 66.12
C2 NAG F . -34.45 -12.59 66.31
C3 NAG F . -34.99 -12.22 67.70
C4 NAG F . -33.99 -12.65 68.77
C5 NAG F . -32.61 -12.08 68.48
C6 NAG F . -31.55 -12.56 69.44
C7 NAG F . -35.69 -10.86 65.05
C8 NAG F . -36.66 -10.61 63.94
N2 NAG F . -35.36 -12.13 65.27
O3 NAG F . -36.24 -12.86 67.91
O4 NAG F . -34.43 -12.19 70.05
O5 NAG F . -32.18 -12.48 67.17
O6 NAG F . -30.29 -11.95 69.18
O7 NAG F . -35.24 -9.93 65.72
C1 CLR G . -5.38 12.35 26.15
C2 CLR G . -4.09 12.99 25.67
C3 CLR G . -4.12 13.00 24.17
C4 CLR G . -5.30 13.84 23.71
C5 CLR G . -6.49 13.43 24.33
C6 CLR G . -7.65 13.47 23.55
C7 CLR G . -8.91 13.10 24.00
C8 CLR G . -8.98 13.23 25.50
C9 CLR G . -7.81 12.47 26.09
C10 CLR G . -6.55 13.20 25.72
C11 CLR G . -7.91 12.44 27.61
C12 CLR G . -9.25 11.87 28.06
C13 CLR G . -10.37 12.71 27.46
C14 CLR G . -10.28 12.58 25.98
C15 CLR G . -11.49 13.37 25.58
C16 CLR G . -12.55 12.70 26.47
C17 CLR G . -11.78 12.19 27.70
C18 CLR G . -10.27 14.20 27.88
C19 CLR G . -6.50 14.54 26.46
C20 CLR G . -12.40 12.78 28.97
C21 CLR G . -12.03 11.93 30.21
C22 CLR G . -13.92 12.76 28.85
C23 CLR G . -14.48 11.51 29.53
C24 CLR G . -15.98 11.66 29.73
C25 CLR G . -16.25 12.85 30.65
C26 CLR G . -17.75 13.14 30.65
C27 CLR G . -15.81 12.52 32.08
O1 CLR G . -2.91 13.58 23.68
C1 CLR H . -42.38 -1.15 41.09
C2 CLR H . -43.53 -1.58 41.96
C3 CLR H . -43.68 -0.55 43.05
C4 CLR H . -44.04 0.78 42.40
C5 CLR H . -43.15 1.12 41.38
C6 CLR H . -42.85 2.47 41.21
C7 CLR H . -41.98 2.98 40.25
C8 CLR H . -41.85 2.00 39.11
C9 CLR H . -41.49 0.66 39.72
C10 CLR H . -42.72 0.17 40.43
C11 CLR H . -41.12 -0.34 38.63
C12 CLR H . -40.01 0.19 37.75
C13 CLR H . -40.47 1.49 37.11
C14 CLR H . -40.73 2.47 38.21
C15 CLR H . -41.11 3.68 37.37
C16 CLR H . -40.05 3.65 36.25
C17 CLR H . -39.40 2.25 36.37
C18 CLR H . -41.72 1.28 36.23
C19 CLR H . -43.84 -0.07 39.41
C20 CLR H . -39.11 1.68 34.99
C21 CLR H . -37.71 1.06 34.96
C22 CLR H . -39.16 2.80 33.94
C23 CLR H . -38.69 2.25 32.60
C24 CLR H . -38.71 3.37 31.56
C25 CLR H . -37.99 2.90 30.29
C26 CLR H . -38.65 1.63 29.77
C27 CLR H . -38.07 3.99 29.22
O1 CLR H . -44.73 -0.93 43.94
C1 CLR I . -35.69 7.16 14.93
C2 CLR I . -36.36 7.57 13.64
C3 CLR I . -35.73 6.77 12.52
C4 CLR I . -35.99 5.29 12.79
C5 CLR I . -35.58 4.92 14.08
C6 CLR I . -34.98 3.67 14.21
C7 CLR I . -34.52 3.14 15.42
C8 CLR I . -35.24 3.79 16.58
C9 CLR I . -35.12 5.29 16.40
C10 CLR I . -35.94 5.69 15.20
C11 CLR I . -35.70 6.01 17.61
C12 CLR I . -35.04 5.54 18.90
C13 CLR I . -35.21 4.05 19.03
C14 CLR I . -34.53 3.40 17.86
C15 CLR I . -34.71 1.95 18.23
C16 CLR I . -34.17 1.98 19.67
C17 CLR I . -34.43 3.41 20.18
C18 CLR I . -36.70 3.63 19.08
C19 CLR I . -37.42 5.47 15.51
C20 CLR I . -35.28 3.36 21.46
C21 CLR I . -34.94 4.53 22.39
C22 CLR I . -34.96 2.07 22.21
C23 CLR I . -35.46 2.17 23.65
C24 CLR I . -35.43 0.80 24.30
C25 CLR I . -35.67 0.94 25.81
C26 CLR I . -34.42 1.52 26.46
C27 CLR I . -36.83 1.92 26.03
O1 CLR I . -36.33 7.13 11.28
C1 CLR J . -3.97 -1.54 25.58
C2 CLR J . -3.93 -2.96 25.02
C3 CLR J . -5.08 -3.18 24.04
C4 CLR J . -6.19 -2.20 24.37
C5 CLR J . -6.24 -2.11 25.75
C6 CLR J . -7.21 -2.81 26.47
C7 CLR J . -7.27 -2.82 27.85
C8 CLR J . -6.47 -1.68 28.43
C9 CLR J . -5.10 -1.71 27.78
C10 CLR J . -5.28 -1.32 26.34
C11 CLR J . -4.17 -0.70 28.46
C12 CLR J . -4.12 -0.90 29.98
C13 CLR J . -5.53 -0.80 30.53
C14 CLR J . -6.34 -1.90 29.93
C15 CLR J . -7.63 -1.71 30.66
C16 CLR J . -7.14 -1.64 32.10
C17 CLR J . -5.68 -1.13 32.01
C18 CLR J . -6.16 0.57 30.23
C19 CLR J . -5.66 0.16 26.24
C20 CLR J . -5.51 0.13 32.88
C21 CLR J . -4.08 0.19 33.44
C22 CLR J . -6.47 0.04 34.06
C23 CLR J . -6.36 1.33 34.87
C24 CLR J . -7.34 1.31 36.05
C25 CLR J . -6.89 0.30 37.09
C26 CLR J . -5.54 0.73 37.67
C27 CLR J . -7.92 0.24 38.22
O1 CLR J . -4.64 -2.96 22.70
C1 CLR K . -26.73 -12.95 8.66
C2 CLR K . -26.43 -12.86 7.19
C3 CLR K . -27.32 -11.80 6.59
C4 CLR K . -27.03 -10.47 7.26
C5 CLR K . -27.07 -10.57 8.66
C6 CLR K . -27.62 -9.49 9.35
C7 CLR K . -27.74 -9.42 10.74
C8 CLR K . -26.74 -10.34 11.39
C9 CLR K . -26.92 -11.69 10.75
C10 CLR K . -26.43 -11.62 9.34
C11 CLR K . -26.08 -12.73 11.49
C12 CLR K . -26.38 -12.75 12.99
C13 CLR K . -26.12 -11.36 13.56
C14 CLR K . -27.08 -10.43 12.86
C15 CLR K . -26.76 -9.16 13.61
C16 CLR K . -26.87 -9.65 15.06
C17 CLR K . -26.58 -11.16 14.99
C18 CLR K . -24.66 -10.91 13.37
C19 CLR K . -24.91 -11.40 9.33
C20 CLR K . -25.50 -11.51 16.02
C21 CLR K . -25.67 -12.95 16.53
C22 CLR K . -25.64 -10.55 17.20
C23 CLR K . -24.69 -10.93 18.32
C24 CLR K . -24.66 -9.77 19.33
C25 CLR K . -26.04 -9.55 19.91
C26 CLR K . -26.35 -10.62 20.96
C27 CLR K . -26.10 -8.16 20.56
O1 CLR K . -27.06 -11.69 5.18
C1 CLR L . -45.83 -9.61 39.86
C2 CLR L . -46.98 -10.38 40.44
C3 CLR L . -47.35 -9.74 41.75
C4 CLR L . -47.80 -8.32 41.48
C5 CLR L . -46.85 -7.60 40.74
C6 CLR L . -46.69 -6.27 41.08
C7 CLR L . -45.77 -5.41 40.48
C8 CLR L . -45.35 -5.92 39.12
C9 CLR L . -45.00 -7.39 39.26
C10 CLR L . -46.24 -8.16 39.61
C11 CLR L . -44.45 -7.92 37.93
C12 CLR L . -43.23 -7.11 37.49
C13 CLR L . -43.62 -5.64 37.38
C14 CLR L . -44.09 -5.18 38.72
C15 CLR L . -44.36 -3.73 38.40
C16 CLR L . -43.05 -3.35 37.68
C17 CLR L . -42.45 -4.68 37.19
C18 CLR L . -44.70 -5.41 36.31
C19 CLR L . -47.21 -8.13 38.42
C20 CLR L . -42.03 -4.55 35.73
C21 CLR L . -40.79 -5.40 35.45
C22 CLR L . -41.67 -3.09 35.44
C23 CLR L . -41.11 -2.98 34.02
C24 CLR L . -40.74 -1.54 33.74
C25 CLR L . -40.09 -1.44 32.36
C26 CLR L . -38.85 -2.32 32.33
C27 CLR L . -41.09 -1.91 31.30
O1 CLR L . -48.41 -10.48 42.36
#